data_8DVR
#
_entry.id   8DVR
#
_cell.length_a   1.00
_cell.length_b   1.00
_cell.length_c   1.00
_cell.angle_alpha   90.00
_cell.angle_beta   90.00
_cell.angle_gamma   90.00
#
_symmetry.space_group_name_H-M   'P 1'
#
loop_
_entity.id
_entity.type
_entity.pdbx_description
1 polymer 'Antiviral innate immune response receptor RIG-I'
2 polymer p3SLR30
3 non-polymer 'ZINC ION'
4 non-polymer "GUANOSINE-5'-TRIPHOSPHATE"
#
loop_
_entity_poly.entity_id
_entity_poly.type
_entity_poly.pdbx_seq_one_letter_code
_entity_poly.pdbx_strand_id
1 'polypeptide(L)'
;MTTEQRRSLQAFQDYIRKTLDPTYILSYMAPWFREEEVQYIQAEKNNKGPMEAATLFLKFLLELQEEGWFRGFLDALDHA
GYSGLYEAIESWDFKKIEKLEEYRLLLKRLQPEFKTRIIPTDIISDLSECLINQECEEILQICSTKGMMAGAEKLVECLL
RSDKENWPKTLKLALEKERNKFSELWIVEKGIKDVETEDLEDKMETSDIQIFYQEDPECQNLSENSCPPSEVSDTNLYSP
FKPRNYQLELALPAMKGKNTIICAPTGCGKTFVSLLICEHHLKKFPQGQKGKVVFFANQIPVYEQQKSVFSKYFERHGYR
VTGISGATAENVPVEQIVENNDIIILTPQILVNNLKKGTIPSLSIFTLMIFDECHNTSKQHPYNMIMFNYLDQKLGGSSG
PLPQVIGLTASVGVGDAKNTDEALDYICKLCASLDASVIATVKHNLEELEQVVYKPQKFFRKVESRISDKFKYIIAQLMR
DTESLAKRICKDLENLSQIQNREFGTQKYEQWIVTVQKACMVFQMPDKDEESRICKALFLYTSHLRKYNDALIISEHARM
KDALDYLKDFFSNVRAAGFDEIEQDLTQRFEEKLQELESVSRDPSNENPKLEDLCFILQEEYHLNPETITILFVKTRALV
DALKNWIEGNPKLSFLKPGILTGRGKTNQNTGMTLPAQKCILDAFKASGDHNILIATSVADEGIDIAQCNLVILYEYVGN
VIKMIQTRGRGRARGSKCFLLTSNAGVIEKEQINMYKEKMMNDSILRLQTWDEAVFREKILHIQTHEKFIRDSQEKPKPV
PDKENKKLLCRKCKALACYTADVRVIEECHYTVLGDAFKECFVSRPHPKPKQFSSFEKRAKIFCARQNCSHDWGIHVKYK
TFEIPVIKIESFVVEDIATGVQTLYSKWKDFHFEKIPFDPAEMSK
;
A
2 'polyribonucleotide' GAUCGAUCGAUCGAUCGAUCCAUCGGCUUCGGCCGAUCGAUGCCGAUCGAUCGAUCGAUCC B
#
loop_
_chem_comp.id
_chem_comp.type
_chem_comp.name
_chem_comp.formula
A RNA linking ADENOSINE-5'-MONOPHOSPHATE 'C10 H14 N5 O7 P'
C RNA linking CYTIDINE-5'-MONOPHOSPHATE 'C9 H14 N3 O8 P'
G RNA linking GUANOSINE-5'-MONOPHOSPHATE 'C10 H14 N5 O8 P'
GTP non-polymer GUANOSINE-5'-TRIPHOSPHATE 'C10 H16 N5 O14 P3'
U RNA linking URIDINE-5'-MONOPHOSPHATE 'C9 H13 N2 O9 P'
ZN non-polymer 'ZINC ION' 'Zn 2'
#
# COMPACT_ATOMS: atom_id res chain seq x y z
N LYS A 242 -30.74 8.43 15.82
CA LYS A 242 -32.04 7.80 15.80
C LYS A 242 -32.37 7.26 14.41
N PRO A 243 -32.99 6.09 14.34
CA PRO A 243 -33.32 5.50 13.04
C PRO A 243 -34.42 6.30 12.34
N ARG A 244 -34.06 6.91 11.21
CA ARG A 244 -34.98 7.69 10.41
C ARG A 244 -35.39 6.91 9.17
N ASN A 245 -36.20 7.54 8.32
CA ASN A 245 -36.64 6.89 7.09
C ASN A 245 -35.49 6.70 6.11
N TYR A 246 -34.47 7.56 6.17
CA TYR A 246 -33.32 7.43 5.29
C TYR A 246 -32.57 6.13 5.56
N GLN A 247 -32.38 5.80 6.84
CA GLN A 247 -31.72 4.54 7.19
C GLN A 247 -32.63 3.34 6.92
N LEU A 248 -33.94 3.49 7.12
CA LEU A 248 -34.86 2.39 6.87
C LEU A 248 -34.95 2.04 5.39
N GLU A 249 -34.93 3.05 4.50
CA GLU A 249 -34.94 2.78 3.07
C GLU A 249 -33.71 1.97 2.67
N LEU A 250 -32.58 2.20 3.33
CA LEU A 250 -31.36 1.47 2.99
C LEU A 250 -31.34 0.08 3.63
N ALA A 251 -31.93 -0.05 4.82
CA ALA A 251 -31.91 -1.32 5.54
C ALA A 251 -33.02 -2.28 5.10
N LEU A 252 -34.05 -1.78 4.40
CA LEU A 252 -35.17 -2.65 4.02
C LEU A 252 -34.75 -3.79 3.10
N PRO A 253 -34.02 -3.57 2.01
CA PRO A 253 -33.70 -4.70 1.11
C PRO A 253 -32.79 -5.75 1.73
N ALA A 254 -32.23 -5.50 2.92
CA ALA A 254 -31.34 -6.45 3.56
C ALA A 254 -31.99 -7.23 4.69
N MET A 255 -33.09 -6.73 5.25
CA MET A 255 -33.76 -7.42 6.34
C MET A 255 -34.56 -8.64 5.87
N LYS A 256 -34.77 -8.77 4.56
CA LYS A 256 -35.55 -9.90 4.06
C LYS A 256 -34.79 -11.22 4.18
N GLY A 257 -33.46 -11.17 4.12
CA GLY A 257 -32.66 -12.37 4.27
C GLY A 257 -31.78 -12.66 3.08
N LYS A 258 -31.46 -11.63 2.30
CA LYS A 258 -30.59 -11.75 1.14
C LYS A 258 -29.47 -10.72 1.21
N ASN A 259 -28.32 -11.09 0.64
CA ASN A 259 -27.16 -10.21 0.65
C ASN A 259 -27.41 -8.98 -0.22
N THR A 260 -26.70 -7.90 0.10
CA THR A 260 -26.90 -6.62 -0.58
C THR A 260 -25.55 -5.95 -0.81
N ILE A 261 -25.55 -4.95 -1.69
CA ILE A 261 -24.36 -4.17 -2.00
C ILE A 261 -24.65 -2.71 -1.64
N ILE A 262 -25.45 -2.51 -0.60
CA ILE A 262 -25.82 -1.19 -0.10
C ILE A 262 -24.60 -0.29 0.03
N CYS A 263 -24.71 0.94 -0.48
CA CYS A 263 -23.61 1.90 -0.47
C CYS A 263 -24.15 3.26 -0.02
N ALA A 264 -23.54 3.84 0.99
CA ALA A 264 -23.92 5.16 1.49
C ALA A 264 -22.70 6.08 1.45
N PRO A 265 -22.86 7.34 1.06
CA PRO A 265 -21.70 8.23 0.93
C PRO A 265 -21.17 8.72 2.27
N THR A 266 -21.84 8.35 3.36
CA THR A 266 -21.43 8.74 4.70
C THR A 266 -21.02 7.53 5.52
N GLY A 267 -20.34 7.79 6.63
CA GLY A 267 -19.88 6.73 7.50
C GLY A 267 -20.83 6.43 8.63
N CYS A 268 -21.36 7.48 9.27
CA CYS A 268 -22.34 7.29 10.33
C CYS A 268 -23.60 6.61 9.83
N GLY A 269 -24.00 6.92 8.59
CA GLY A 269 -25.16 6.23 8.01
C GLY A 269 -24.91 4.74 7.85
N LYS A 270 -23.73 4.38 7.35
CA LYS A 270 -23.40 2.97 7.22
C LYS A 270 -23.34 2.28 8.59
N THR A 271 -22.77 2.95 9.58
CA THR A 271 -22.70 2.38 10.92
C THR A 271 -24.08 2.14 11.49
N PHE A 272 -24.97 3.13 11.37
CA PHE A 272 -26.34 2.97 11.86
C PHE A 272 -27.08 1.88 11.10
N VAL A 273 -26.90 1.80 9.78
CA VAL A 273 -27.55 0.75 9.01
C VAL A 273 -27.07 -0.62 9.45
N SER A 274 -25.77 -0.78 9.67
CA SER A 274 -25.25 -2.05 10.16
C SER A 274 -25.81 -2.38 11.53
N LEU A 275 -25.96 -1.38 12.39
CA LEU A 275 -26.54 -1.61 13.72
C LEU A 275 -27.97 -2.11 13.61
N LEU A 276 -28.78 -1.44 12.78
CA LEU A 276 -30.17 -1.88 12.62
C LEU A 276 -30.26 -3.26 11.98
N ILE A 277 -29.35 -3.56 11.04
CA ILE A 277 -29.35 -4.89 10.43
C ILE A 277 -29.01 -5.95 11.45
N CYS A 278 -27.99 -5.69 12.28
CA CYS A 278 -27.63 -6.63 13.34
C CYS A 278 -28.78 -6.84 14.31
N GLU A 279 -29.47 -5.76 14.68
CA GLU A 279 -30.60 -5.87 15.59
C GLU A 279 -31.73 -6.70 14.99
N HIS A 280 -32.10 -6.39 13.74
CA HIS A 280 -33.18 -7.11 13.08
C HIS A 280 -32.83 -8.56 12.78
N HIS A 281 -31.54 -8.89 12.67
CA HIS A 281 -31.14 -10.26 12.43
C HIS A 281 -31.04 -11.07 13.72
N LEU A 282 -30.60 -10.45 14.81
CA LEU A 282 -30.51 -11.15 16.08
C LEU A 282 -31.85 -11.24 16.80
N LYS A 283 -32.78 -10.34 16.51
CA LYS A 283 -34.10 -10.37 17.13
C LYS A 283 -35.11 -11.21 16.36
N LYS A 284 -34.83 -11.56 15.11
CA LYS A 284 -35.75 -12.35 14.32
C LYS A 284 -35.61 -13.84 14.57
N PHE A 285 -34.56 -14.28 15.24
CA PHE A 285 -34.37 -15.70 15.51
C PHE A 285 -35.26 -16.12 16.68
N PRO A 286 -36.03 -17.20 16.55
CA PRO A 286 -36.89 -17.63 17.66
C PRO A 286 -36.10 -18.24 18.81
N GLN A 287 -36.80 -18.66 19.86
CA GLN A 287 -36.14 -19.26 21.01
C GLN A 287 -35.58 -20.62 20.64
N GLY A 288 -34.31 -20.85 20.99
CA GLY A 288 -33.61 -22.08 20.69
C GLY A 288 -32.43 -21.91 19.75
N GLN A 289 -32.32 -20.78 19.06
CA GLN A 289 -31.23 -20.51 18.15
C GLN A 289 -30.47 -19.28 18.60
N LYS A 290 -29.24 -19.14 18.09
CA LYS A 290 -28.39 -18.02 18.43
C LYS A 290 -27.70 -17.51 17.18
N GLY A 291 -27.41 -16.21 17.16
CA GLY A 291 -26.77 -15.57 16.03
C GLY A 291 -25.28 -15.43 16.25
N LYS A 292 -24.54 -15.43 15.13
CA LYS A 292 -23.08 -15.29 15.13
C LYS A 292 -22.65 -14.28 14.07
N VAL A 293 -23.29 -13.12 14.07
CA VAL A 293 -23.00 -12.09 13.08
C VAL A 293 -21.55 -11.66 13.20
N VAL A 294 -20.85 -11.59 12.06
CA VAL A 294 -19.45 -11.19 12.00
C VAL A 294 -19.35 -9.92 11.18
N PHE A 295 -18.48 -9.01 11.62
CA PHE A 295 -18.22 -7.75 10.93
C PHE A 295 -16.74 -7.71 10.57
N PHE A 296 -16.45 -7.37 9.31
CA PHE A 296 -15.08 -7.40 8.79
C PHE A 296 -14.58 -5.98 8.62
N ALA A 297 -13.72 -5.54 9.54
CA ALA A 297 -13.08 -4.24 9.44
C ALA A 297 -11.72 -4.37 8.78
N ASN A 298 -11.40 -3.45 7.88
CA ASN A 298 -10.17 -3.51 7.11
C ASN A 298 -8.98 -2.87 7.82
N GLN A 299 -9.22 -1.85 8.65
CA GLN A 299 -8.16 -1.14 9.33
C GLN A 299 -8.35 -1.24 10.84
N ILE A 300 -7.29 -0.92 11.57
CA ILE A 300 -7.30 -0.97 13.04
C ILE A 300 -8.14 0.16 13.62
N PRO A 301 -8.00 1.42 13.17
CA PRO A 301 -8.85 2.48 13.76
C PRO A 301 -10.34 2.24 13.54
N VAL A 302 -10.74 1.88 12.31
CA VAL A 302 -12.14 1.60 12.06
C VAL A 302 -12.59 0.37 12.82
N TYR A 303 -11.71 -0.60 13.03
CA TYR A 303 -12.04 -1.76 13.85
C TYR A 303 -12.35 -1.35 15.28
N GLU A 304 -11.50 -0.51 15.87
CA GLU A 304 -11.74 -0.04 17.23
C GLU A 304 -13.02 0.78 17.31
N GLN A 305 -13.27 1.63 16.31
CA GLN A 305 -14.49 2.43 16.30
C GLN A 305 -15.73 1.53 16.25
N GLN A 306 -15.74 0.54 15.34
CA GLN A 306 -16.88 -0.35 15.24
C GLN A 306 -17.06 -1.18 16.51
N LYS A 307 -15.96 -1.63 17.11
CA LYS A 307 -16.05 -2.38 18.35
C LYS A 307 -16.65 -1.53 19.46
N SER A 308 -16.21 -0.28 19.58
CA SER A 308 -16.75 0.60 20.61
C SER A 308 -18.23 0.87 20.39
N VAL A 309 -18.62 1.13 19.14
CA VAL A 309 -20.03 1.43 18.85
C VAL A 309 -20.90 0.21 19.12
N PHE A 310 -20.44 -0.99 18.72
CA PHE A 310 -21.24 -2.19 18.92
C PHE A 310 -21.28 -2.59 20.38
N SER A 311 -20.25 -2.25 21.16
CA SER A 311 -20.28 -2.55 22.59
C SER A 311 -21.19 -1.56 23.33
N LYS A 312 -21.20 -0.30 22.91
CA LYS A 312 -22.05 0.69 23.58
C LYS A 312 -23.51 0.48 23.22
N TYR A 313 -23.79 0.12 21.96
CA TYR A 313 -25.18 -0.08 21.55
C TYR A 313 -25.75 -1.36 22.14
N PHE A 314 -25.04 -2.48 22.00
CA PHE A 314 -25.53 -3.77 22.46
C PHE A 314 -25.15 -4.00 23.93
N GLU A 315 -25.80 -3.23 24.80
CA GLU A 315 -25.64 -3.37 26.25
C GLU A 315 -26.91 -3.81 26.95
N ARG A 316 -28.08 -3.46 26.43
CA ARG A 316 -29.35 -3.85 27.02
C ARG A 316 -29.91 -5.14 26.43
N HIS A 317 -29.29 -5.68 25.37
CA HIS A 317 -29.77 -6.89 24.74
C HIS A 317 -29.09 -8.15 25.26
N GLY A 318 -27.95 -8.02 25.94
CA GLY A 318 -27.24 -9.18 26.46
C GLY A 318 -26.56 -9.99 25.38
N TYR A 319 -25.80 -9.31 24.52
CA TYR A 319 -25.08 -9.96 23.43
C TYR A 319 -23.59 -9.83 23.66
N ARG A 320 -22.85 -10.92 23.40
CA ARG A 320 -21.41 -10.95 23.61
C ARG A 320 -20.72 -10.42 22.36
N VAL A 321 -20.27 -9.18 22.42
CA VAL A 321 -19.58 -8.52 21.31
C VAL A 321 -18.11 -8.38 21.67
N THR A 322 -17.23 -8.84 20.78
CA THR A 322 -15.79 -8.77 21.00
C THR A 322 -15.12 -8.51 19.65
N GLY A 323 -13.79 -8.49 19.66
CA GLY A 323 -13.04 -8.26 18.44
C GLY A 323 -11.61 -8.76 18.58
N ILE A 324 -11.07 -9.24 17.46
CA ILE A 324 -9.73 -9.78 17.41
C ILE A 324 -8.93 -9.04 16.35
N SER A 325 -7.62 -8.92 16.59
CA SER A 325 -6.72 -8.26 15.67
C SER A 325 -5.34 -8.90 15.82
N GLY A 326 -4.32 -8.26 15.23
CA GLY A 326 -2.96 -8.78 15.30
C GLY A 326 -2.35 -8.78 16.68
N ALA A 327 -2.80 -7.89 17.56
CA ALA A 327 -2.32 -7.84 18.94
C ALA A 327 -3.20 -8.61 19.89
N THR A 328 -4.11 -9.45 19.36
CA THR A 328 -5.04 -10.22 20.18
C THR A 328 -5.02 -11.71 19.90
N ALA A 329 -4.75 -12.14 18.66
CA ALA A 329 -4.82 -13.53 18.27
C ALA A 329 -3.53 -14.29 18.55
N GLU A 330 -2.71 -13.82 19.49
CA GLU A 330 -1.46 -14.49 19.85
C GLU A 330 -1.72 -15.47 20.98
N ASN A 331 -1.65 -16.76 20.67
CA ASN A 331 -1.85 -17.84 21.66
C ASN A 331 -3.20 -17.71 22.35
N VAL A 332 -4.25 -17.48 21.57
CA VAL A 332 -5.60 -17.29 22.07
C VAL A 332 -6.52 -18.23 21.32
N PRO A 333 -7.43 -18.95 21.99
CA PRO A 333 -8.33 -19.87 21.29
C PRO A 333 -9.41 -19.12 20.52
N VAL A 334 -9.09 -18.71 19.29
CA VAL A 334 -10.05 -17.97 18.46
C VAL A 334 -11.33 -18.79 18.26
N GLU A 335 -11.21 -20.11 18.22
CA GLU A 335 -12.40 -20.95 18.07
C GLU A 335 -13.34 -20.81 19.26
N GLN A 336 -12.80 -20.76 20.47
CA GLN A 336 -13.63 -20.56 21.65
C GLN A 336 -14.23 -19.16 21.70
N ILE A 337 -13.52 -18.17 21.17
CA ILE A 337 -14.07 -16.82 21.10
C ILE A 337 -15.24 -16.77 20.12
N VAL A 338 -15.10 -17.45 18.98
CA VAL A 338 -16.17 -17.45 17.99
C VAL A 338 -17.37 -18.22 18.50
N GLU A 339 -17.13 -19.38 19.12
CA GLU A 339 -18.23 -20.23 19.58
C GLU A 339 -18.95 -19.66 20.79
N ASN A 340 -18.32 -18.78 21.56
CA ASN A 340 -18.92 -18.23 22.77
C ASN A 340 -19.21 -16.73 22.64
N ASN A 341 -19.35 -16.23 21.41
CA ASN A 341 -19.70 -14.84 21.18
C ASN A 341 -20.64 -14.78 19.98
N ASP A 342 -21.25 -13.62 19.79
CA ASP A 342 -22.24 -13.42 18.74
C ASP A 342 -21.91 -12.31 17.75
N ILE A 343 -21.20 -11.27 18.18
CA ILE A 343 -21.01 -10.08 17.36
C ILE A 343 -19.52 -9.85 17.12
N ILE A 344 -18.76 -10.94 17.01
CA ILE A 344 -17.31 -10.83 16.82
C ILE A 344 -17.00 -9.96 15.60
N ILE A 345 -15.98 -9.12 15.74
CA ILE A 345 -15.58 -8.16 14.71
C ILE A 345 -14.15 -8.44 14.27
N LEU A 346 -13.76 -9.71 14.27
CA LEU A 346 -12.41 -10.09 13.89
C LEU A 346 -12.08 -9.61 12.48
N THR A 347 -10.78 -9.48 12.21
CA THR A 347 -10.27 -9.00 10.94
C THR A 347 -10.36 -10.09 9.88
N PRO A 348 -10.46 -9.71 8.60
CA PRO A 348 -10.55 -10.73 7.54
C PRO A 348 -9.30 -11.57 7.42
N GLN A 349 -8.12 -10.99 7.64
CA GLN A 349 -6.89 -11.77 7.54
C GLN A 349 -6.83 -12.87 8.61
N ILE A 350 -7.35 -12.59 9.80
CA ILE A 350 -7.38 -13.61 10.85
C ILE A 350 -8.29 -14.77 10.44
N LEU A 351 -9.45 -14.45 9.86
CA LEU A 351 -10.36 -15.51 9.40
C LEU A 351 -9.74 -16.31 8.26
N VAL A 352 -8.99 -15.63 7.38
CA VAL A 352 -8.33 -16.33 6.27
C VAL A 352 -7.26 -17.28 6.82
N ASN A 353 -6.47 -16.80 7.79
CA ASN A 353 -5.46 -17.66 8.39
C ASN A 353 -6.08 -18.83 9.13
N ASN A 354 -7.24 -18.62 9.75
CA ASN A 354 -7.93 -19.71 10.42
C ASN A 354 -8.44 -20.73 9.42
N LEU A 355 -9.05 -20.27 8.33
CA LEU A 355 -9.52 -21.18 7.28
C LEU A 355 -8.37 -21.96 6.67
N LYS A 356 -7.19 -21.34 6.58
CA LYS A 356 -6.03 -22.03 6.03
C LYS A 356 -5.47 -23.05 7.00
N LYS A 357 -5.41 -22.70 8.29
CA LYS A 357 -4.86 -23.62 9.29
C LYS A 357 -5.82 -24.77 9.56
N GLY A 358 -7.09 -24.47 9.74
CA GLY A 358 -8.07 -25.49 10.06
C GLY A 358 -9.11 -25.03 11.06
N THR A 359 -8.77 -24.01 11.84
CA THR A 359 -9.72 -23.45 12.79
C THR A 359 -10.90 -22.83 12.04
N ILE A 360 -12.10 -23.01 12.62
CA ILE A 360 -13.35 -22.62 11.97
C ILE A 360 -13.40 -23.26 10.59
N PRO A 361 -13.62 -24.58 10.51
CA PRO A 361 -13.53 -25.24 9.19
C PRO A 361 -14.55 -24.75 8.18
N SER A 362 -15.82 -24.66 8.58
CA SER A 362 -16.88 -24.23 7.68
C SER A 362 -17.30 -22.80 7.98
N LEU A 363 -17.70 -22.08 6.94
CA LEU A 363 -18.17 -20.72 7.06
C LEU A 363 -19.64 -20.63 7.44
N SER A 364 -20.30 -21.77 7.65
CA SER A 364 -21.72 -21.80 8.00
C SER A 364 -21.96 -21.61 9.49
N ILE A 365 -20.89 -21.52 10.30
CA ILE A 365 -21.07 -21.30 11.73
C ILE A 365 -21.64 -19.92 12.00
N PHE A 366 -21.31 -18.95 11.18
CA PHE A 366 -21.86 -17.60 11.28
C PHE A 366 -23.23 -17.55 10.59
N THR A 367 -23.99 -16.51 10.92
CA THR A 367 -25.31 -16.29 10.33
C THR A 367 -25.45 -14.93 9.65
N LEU A 368 -24.44 -14.08 9.72
CA LEU A 368 -24.51 -12.76 9.12
C LEU A 368 -23.09 -12.21 8.97
N MET A 369 -22.71 -11.88 7.74
CA MET A 369 -21.39 -11.32 7.44
C MET A 369 -21.57 -9.92 6.87
N ILE A 370 -20.94 -8.94 7.52
CA ILE A 370 -21.00 -7.55 7.10
C ILE A 370 -19.60 -7.11 6.75
N PHE A 371 -19.31 -7.00 5.45
CA PHE A 371 -17.98 -6.62 4.96
C PHE A 371 -17.92 -5.10 4.84
N ASP A 372 -17.19 -4.45 5.75
CA ASP A 372 -16.99 -3.01 5.66
C ASP A 372 -16.07 -2.68 4.50
N GLU A 373 -16.47 -1.70 3.69
CA GLU A 373 -15.75 -1.31 2.48
C GLU A 373 -15.55 -2.51 1.56
N CYS A 374 -16.68 -3.06 1.12
CA CYS A 374 -16.70 -4.28 0.31
C CYS A 374 -16.25 -4.05 -1.13
N HIS A 375 -15.90 -2.82 -1.50
CA HIS A 375 -15.43 -2.54 -2.86
C HIS A 375 -14.02 -3.08 -3.11
N ASN A 376 -13.32 -3.54 -2.07
CA ASN A 376 -11.98 -4.08 -2.23
C ASN A 376 -11.98 -5.53 -2.67
N THR A 377 -13.15 -6.17 -2.77
CA THR A 377 -13.25 -7.57 -3.19
C THR A 377 -13.05 -7.65 -4.70
N SER A 378 -11.80 -7.44 -5.12
CA SER A 378 -11.43 -7.44 -6.52
C SER A 378 -10.50 -8.58 -6.88
N LYS A 379 -9.36 -8.70 -6.19
CA LYS A 379 -8.38 -9.74 -6.52
C LYS A 379 -7.45 -9.94 -5.34
N GLN A 380 -7.32 -11.18 -4.89
CA GLN A 380 -6.34 -11.58 -3.87
C GLN A 380 -6.54 -10.85 -2.54
N HIS A 381 -7.68 -10.18 -2.37
CA HIS A 381 -7.96 -9.48 -1.13
C HIS A 381 -8.40 -10.48 -0.05
N PRO A 382 -8.16 -10.16 1.22
CA PRO A 382 -8.73 -10.98 2.30
C PRO A 382 -10.23 -11.13 2.19
N TYR A 383 -10.94 -10.06 1.86
CA TYR A 383 -12.36 -10.16 1.53
C TYR A 383 -12.57 -11.11 0.36
N ASN A 384 -11.72 -11.01 -0.67
CA ASN A 384 -11.83 -11.89 -1.82
C ASN A 384 -11.49 -13.33 -1.45
N MET A 385 -10.57 -13.53 -0.52
CA MET A 385 -10.26 -14.90 -0.08
C MET A 385 -11.43 -15.51 0.69
N ILE A 386 -12.05 -14.72 1.57
CA ILE A 386 -13.23 -15.20 2.28
C ILE A 386 -14.36 -15.51 1.30
N MET A 387 -14.53 -14.67 0.29
CA MET A 387 -15.57 -14.93 -0.71
C MET A 387 -15.24 -16.15 -1.56
N PHE A 388 -13.96 -16.39 -1.85
CA PHE A 388 -13.58 -17.60 -2.57
C PHE A 388 -13.88 -18.84 -1.74
N ASN A 389 -13.60 -18.80 -0.44
CA ASN A 389 -13.95 -19.91 0.43
C ASN A 389 -15.47 -20.12 0.47
N TYR A 390 -16.22 -19.02 0.55
CA TYR A 390 -17.68 -19.12 0.56
C TYR A 390 -18.21 -19.75 -0.72
N LEU A 391 -17.68 -19.32 -1.87
CA LEU A 391 -18.12 -19.88 -3.14
C LEU A 391 -17.71 -21.34 -3.30
N ASP A 392 -16.53 -21.71 -2.78
CA ASP A 392 -16.11 -23.10 -2.85
C ASP A 392 -16.98 -23.98 -1.95
N GLN A 393 -17.42 -23.45 -0.82
CA GLN A 393 -18.31 -24.23 0.05
C GLN A 393 -19.73 -24.28 -0.50
N LYS A 394 -20.16 -23.25 -1.23
CA LYS A 394 -21.52 -23.21 -1.76
C LYS A 394 -21.65 -24.04 -3.03
N LEU A 395 -20.88 -23.68 -4.07
CA LEU A 395 -20.99 -24.37 -5.35
C LEU A 395 -20.43 -25.78 -5.31
N GLY A 396 -19.70 -26.14 -4.24
CA GLY A 396 -19.14 -27.48 -4.14
C GLY A 396 -20.17 -28.57 -3.96
N GLY A 397 -21.38 -28.21 -3.54
CA GLY A 397 -22.44 -29.18 -3.33
C GLY A 397 -22.72 -29.55 -1.89
N SER A 398 -22.04 -28.92 -0.94
CA SER A 398 -22.23 -29.20 0.49
C SER A 398 -22.57 -27.92 1.25
N SER A 399 -23.33 -27.04 0.61
CA SER A 399 -23.70 -25.77 1.23
C SER A 399 -24.74 -26.01 2.32
N GLY A 400 -24.36 -25.74 3.57
CA GLY A 400 -25.26 -25.87 4.69
C GLY A 400 -25.94 -24.56 5.02
N PRO A 401 -26.03 -24.25 6.31
CA PRO A 401 -26.64 -22.96 6.73
C PRO A 401 -25.74 -21.77 6.43
N LEU A 402 -25.74 -21.35 5.17
CA LEU A 402 -24.87 -20.28 4.73
C LEU A 402 -25.34 -18.94 5.30
N PRO A 403 -24.40 -18.09 5.72
CA PRO A 403 -24.76 -16.78 6.27
C PRO A 403 -24.95 -15.74 5.18
N GLN A 404 -25.58 -14.63 5.58
CA GLN A 404 -25.76 -13.52 4.67
C GLN A 404 -24.45 -12.78 4.44
N VAL A 405 -24.28 -12.24 3.24
CA VAL A 405 -23.01 -11.66 2.82
C VAL A 405 -23.26 -10.19 2.49
N ILE A 406 -24.19 -9.57 3.21
CA ILE A 406 -24.50 -8.15 3.04
C ILE A 406 -23.22 -7.32 3.16
N GLY A 407 -22.93 -6.49 2.16
CA GLY A 407 -21.77 -5.64 2.18
C GLY A 407 -22.09 -4.23 2.60
N LEU A 408 -21.05 -3.41 2.69
CA LEU A 408 -21.21 -2.01 3.09
C LEU A 408 -20.03 -1.22 2.53
N THR A 409 -20.30 -0.34 1.57
CA THR A 409 -19.28 0.49 0.95
C THR A 409 -19.82 1.90 0.75
N ALA A 410 -19.05 2.72 0.04
CA ALA A 410 -19.45 4.09 -0.23
C ALA A 410 -19.50 4.35 -1.72
N SER A 411 -18.62 3.69 -2.47
CA SER A 411 -18.56 3.82 -3.93
C SER A 411 -18.38 2.44 -4.52
N VAL A 412 -19.26 2.06 -5.44
CA VAL A 412 -19.16 0.74 -6.08
C VAL A 412 -17.87 0.60 -6.86
N GLY A 413 -17.37 1.68 -7.45
CA GLY A 413 -16.13 1.63 -8.21
C GLY A 413 -16.35 1.27 -9.67
N VAL A 414 -15.49 1.80 -10.54
CA VAL A 414 -15.62 1.57 -11.98
C VAL A 414 -14.45 0.72 -12.45
N GLY A 415 -13.27 0.98 -11.91
CA GLY A 415 -12.07 0.24 -12.29
C GLY A 415 -11.44 0.83 -13.55
N ASP A 416 -11.37 0.03 -14.61
CA ASP A 416 -10.81 0.46 -15.89
C ASP A 416 -11.83 0.35 -17.01
N ALA A 417 -13.09 0.68 -16.72
CA ALA A 417 -14.14 0.60 -17.72
C ALA A 417 -14.17 1.86 -18.57
N LYS A 418 -14.43 1.68 -19.87
CA LYS A 418 -14.49 2.79 -20.81
C LYS A 418 -15.92 3.13 -21.23
N ASN A 419 -16.72 2.13 -21.57
CA ASN A 419 -18.11 2.34 -21.95
C ASN A 419 -19.04 1.79 -20.88
N THR A 420 -20.34 2.03 -21.08
CA THR A 420 -21.34 1.60 -20.09
C THR A 420 -21.38 0.08 -19.95
N ASP A 421 -21.12 -0.65 -21.04
CA ASP A 421 -21.14 -2.11 -20.97
C ASP A 421 -20.04 -2.63 -20.06
N GLU A 422 -18.84 -2.05 -20.15
CA GLU A 422 -17.74 -2.50 -19.29
C GLU A 422 -18.01 -2.16 -17.83
N ALA A 423 -18.61 -1.00 -17.57
CA ALA A 423 -18.96 -0.65 -16.19
C ALA A 423 -20.02 -1.60 -15.64
N LEU A 424 -21.02 -1.95 -16.45
CA LEU A 424 -22.03 -2.91 -16.02
C LEU A 424 -21.41 -4.28 -15.76
N ASP A 425 -20.48 -4.70 -16.63
CA ASP A 425 -19.80 -5.98 -16.42
C ASP A 425 -19.00 -5.96 -15.12
N TYR A 426 -18.30 -4.86 -14.85
CA TYR A 426 -17.52 -4.75 -13.63
C TYR A 426 -18.42 -4.78 -12.39
N ILE A 427 -19.54 -4.08 -12.43
CA ILE A 427 -20.44 -4.06 -11.29
C ILE A 427 -21.06 -5.45 -11.08
N CYS A 428 -21.42 -6.12 -12.17
CA CYS A 428 -21.96 -7.47 -12.05
C CYS A 428 -20.92 -8.45 -11.50
N LYS A 429 -19.66 -8.31 -11.92
CA LYS A 429 -18.60 -9.16 -11.38
C LYS A 429 -18.37 -8.89 -9.90
N LEU A 430 -18.43 -7.62 -9.49
CA LEU A 430 -18.26 -7.29 -8.08
C LEU A 430 -19.42 -7.84 -7.25
N CYS A 431 -20.64 -7.78 -7.79
CA CYS A 431 -21.80 -8.32 -7.09
C CYS A 431 -21.77 -9.85 -7.02
N ALA A 432 -21.26 -10.51 -8.05
CA ALA A 432 -21.17 -11.96 -8.05
C ALA A 432 -20.04 -12.44 -7.14
N SER A 433 -18.96 -11.67 -7.05
CA SER A 433 -17.89 -12.01 -6.11
C SER A 433 -18.38 -11.98 -4.68
N LEU A 434 -19.27 -11.04 -4.36
CA LEU A 434 -19.89 -10.95 -3.05
C LEU A 434 -21.16 -11.79 -2.94
N ASP A 435 -21.66 -12.31 -4.06
CA ASP A 435 -22.83 -13.18 -4.09
C ASP A 435 -24.05 -12.47 -3.49
N ALA A 436 -24.48 -11.41 -4.17
CA ALA A 436 -25.64 -10.63 -3.78
C ALA A 436 -26.46 -10.27 -5.01
N SER A 437 -27.79 -10.24 -4.83
CA SER A 437 -28.70 -9.95 -5.92
C SER A 437 -29.38 -8.59 -5.81
N VAL A 438 -29.19 -7.87 -4.71
CA VAL A 438 -29.81 -6.57 -4.50
C VAL A 438 -28.71 -5.53 -4.27
N ILE A 439 -28.96 -4.33 -4.77
CA ILE A 439 -28.07 -3.18 -4.59
C ILE A 439 -28.92 -2.06 -3.98
N ALA A 440 -28.90 -1.95 -2.66
CA ALA A 440 -29.73 -0.95 -1.99
C ALA A 440 -29.07 0.43 -2.08
N THR A 441 -29.86 1.42 -2.47
CA THR A 441 -29.39 2.80 -2.53
C THR A 441 -30.59 3.73 -2.39
N VAL A 442 -30.29 5.01 -2.22
CA VAL A 442 -31.34 6.01 -2.04
C VAL A 442 -32.03 6.27 -3.37
N LYS A 443 -33.35 6.06 -3.41
CA LYS A 443 -34.14 6.33 -4.60
C LYS A 443 -35.43 7.09 -4.32
N HIS A 444 -35.87 7.17 -3.07
CA HIS A 444 -37.07 7.89 -2.69
C HIS A 444 -36.79 9.04 -1.73
N ASN A 445 -35.94 8.82 -0.73
CA ASN A 445 -35.60 9.85 0.25
C ASN A 445 -34.40 10.68 -0.20
N LEU A 446 -34.52 11.30 -1.37
CA LEU A 446 -33.43 12.10 -1.91
C LEU A 446 -33.41 13.51 -1.34
N GLU A 447 -34.46 13.89 -0.59
CA GLU A 447 -34.53 15.26 -0.07
C GLU A 447 -33.50 15.49 1.03
N GLU A 448 -33.37 14.55 1.97
CA GLU A 448 -32.47 14.70 3.09
C GLU A 448 -31.14 13.97 2.90
N LEU A 449 -30.82 13.55 1.68
CA LEU A 449 -29.59 12.80 1.45
C LEU A 449 -28.37 13.71 1.50
N GLU A 450 -28.37 14.78 0.71
CA GLU A 450 -27.19 15.62 0.51
C GLU A 450 -27.05 16.69 1.60
N GLN A 451 -27.64 16.48 2.77
CA GLN A 451 -27.48 17.44 3.86
C GLN A 451 -26.09 17.34 4.48
N VAL A 452 -25.58 16.12 4.66
CA VAL A 452 -24.27 15.91 5.27
C VAL A 452 -23.36 15.19 4.28
N VAL A 453 -23.63 15.39 2.99
CA VAL A 453 -22.80 14.80 1.94
C VAL A 453 -21.70 15.80 1.57
N TYR A 454 -20.52 15.27 1.23
CA TYR A 454 -19.36 16.07 0.88
C TYR A 454 -19.69 17.15 -0.15
N LYS A 455 -20.17 16.72 -1.31
CA LYS A 455 -20.51 17.59 -2.43
C LYS A 455 -19.33 18.50 -2.78
N PRO A 456 -18.25 17.96 -3.35
CA PRO A 456 -17.08 18.79 -3.63
C PRO A 456 -17.23 19.63 -4.88
N GLN A 457 -16.20 20.44 -5.19
CA GLN A 457 -16.18 21.29 -6.36
C GLN A 457 -14.80 21.22 -6.99
N LYS A 458 -14.75 21.20 -8.32
CA LYS A 458 -13.51 21.04 -9.07
C LYS A 458 -13.06 22.40 -9.60
N PHE A 459 -11.78 22.71 -9.38
CA PHE A 459 -11.20 24.00 -9.75
C PHE A 459 -9.85 23.79 -10.42
N PHE A 460 -9.81 22.92 -11.43
CA PHE A 460 -8.58 22.61 -12.15
C PHE A 460 -7.83 23.88 -12.54
N ARG A 461 -6.52 23.88 -12.31
CA ARG A 461 -5.65 25.01 -12.62
C ARG A 461 -4.40 24.47 -13.29
N LYS A 462 -4.31 24.62 -14.61
CA LYS A 462 -3.16 24.15 -15.37
C LYS A 462 -2.03 25.18 -15.28
N VAL A 463 -0.87 24.74 -14.80
CA VAL A 463 0.29 25.60 -14.62
C VAL A 463 1.43 25.04 -15.47
N GLU A 464 2.38 25.92 -15.80
CA GLU A 464 3.56 25.55 -16.57
C GLU A 464 4.77 25.45 -15.66
N SER A 465 5.75 24.65 -16.09
CA SER A 465 6.95 24.45 -15.30
C SER A 465 7.92 25.62 -15.46
N ARG A 466 8.96 25.61 -14.65
CA ARG A 466 9.97 26.66 -14.69
C ARG A 466 10.82 26.55 -15.94
N ILE A 467 11.33 27.69 -16.39
CA ILE A 467 12.17 27.75 -17.58
C ILE A 467 13.63 27.92 -17.18
N SER A 468 13.87 28.60 -16.06
CA SER A 468 15.23 28.84 -15.57
C SER A 468 15.68 27.63 -14.77
N ASP A 469 16.09 26.59 -15.50
CA ASP A 469 16.49 25.32 -14.89
C ASP A 469 18.01 25.28 -14.68
N LYS A 470 18.50 26.25 -13.91
CA LYS A 470 19.92 26.31 -13.62
C LYS A 470 20.33 25.19 -12.66
N PHE A 471 19.59 25.01 -11.56
CA PHE A 471 19.83 23.88 -10.68
C PHE A 471 19.69 22.56 -11.41
N LYS A 472 18.66 22.44 -12.25
CA LYS A 472 18.49 21.24 -13.05
C LYS A 472 19.66 21.05 -14.00
N TYR A 473 20.19 22.14 -14.56
CA TYR A 473 21.34 22.03 -15.46
C TYR A 473 22.58 21.53 -14.72
N ILE A 474 22.82 22.06 -13.51
CA ILE A 474 23.98 21.64 -12.74
C ILE A 474 23.86 20.17 -12.34
N ILE A 475 22.67 19.77 -11.90
CA ILE A 475 22.47 18.38 -11.50
C ILE A 475 22.56 17.46 -12.71
N ALA A 476 22.10 17.91 -13.88
CA ALA A 476 22.22 17.12 -15.09
C ALA A 476 23.68 16.95 -15.51
N GLN A 477 24.48 18.01 -15.40
CA GLN A 477 25.90 17.89 -15.69
C GLN A 477 26.58 16.94 -14.71
N LEU A 478 26.20 17.02 -13.43
CA LEU A 478 26.75 16.09 -12.43
C LEU A 478 26.42 14.66 -12.78
N MET A 479 25.16 14.37 -13.08
CA MET A 479 24.76 13.03 -13.46
C MET A 479 25.45 12.57 -14.75
N ARG A 480 25.66 13.49 -15.69
CA ARG A 480 26.30 13.14 -16.95
C ARG A 480 27.74 12.73 -16.74
N ASP A 481 28.53 13.54 -16.01
CA ASP A 481 29.93 13.16 -15.81
C ASP A 481 30.04 11.95 -14.89
N THR A 482 29.08 11.78 -13.97
CA THR A 482 29.06 10.59 -13.13
C THR A 482 28.84 9.33 -13.96
N GLU A 483 27.88 9.37 -14.89
CA GLU A 483 27.65 8.23 -15.77
C GLU A 483 28.82 8.03 -16.72
N SER A 484 29.52 9.10 -17.09
CA SER A 484 30.68 8.97 -17.96
C SER A 484 31.85 8.29 -17.24
N LEU A 485 32.11 8.67 -15.99
CA LEU A 485 33.16 8.04 -15.21
C LEU A 485 32.72 6.69 -14.64
N ALA A 486 31.43 6.35 -14.72
CA ALA A 486 30.98 5.03 -14.30
C ALA A 486 31.20 3.98 -15.38
N LYS A 487 31.26 4.39 -16.65
CA LYS A 487 31.48 3.46 -17.75
C LYS A 487 32.92 3.00 -17.86
N ARG A 488 33.82 3.50 -17.00
CA ARG A 488 35.21 3.07 -17.05
C ARG A 488 35.36 1.60 -16.73
N ILE A 489 34.48 1.06 -15.88
CA ILE A 489 34.51 -0.35 -15.54
C ILE A 489 33.40 -1.14 -16.23
N CYS A 490 32.31 -0.49 -16.60
CA CYS A 490 31.20 -1.13 -17.31
C CYS A 490 31.09 -0.50 -18.69
N LYS A 491 31.82 -1.07 -19.66
CA LYS A 491 31.80 -0.53 -21.02
C LYS A 491 30.45 -0.75 -21.70
N ASP A 492 29.72 -1.79 -21.30
CA ASP A 492 28.43 -2.11 -21.89
C ASP A 492 27.27 -1.61 -21.03
N LEU A 493 27.46 -0.47 -20.34
CA LEU A 493 26.39 0.07 -19.51
C LEU A 493 25.22 0.55 -20.34
N GLU A 494 25.46 0.99 -21.57
CA GLU A 494 24.40 1.46 -22.44
C GLU A 494 23.60 0.32 -23.08
N ASN A 495 24.06 -0.92 -22.94
CA ASN A 495 23.37 -2.06 -23.51
C ASN A 495 22.66 -2.92 -22.48
N LEU A 496 22.87 -2.67 -21.18
CA LEU A 496 22.18 -3.45 -20.16
C LEU A 496 20.69 -3.15 -20.13
N SER A 497 20.29 -1.90 -20.40
CA SER A 497 18.89 -1.51 -20.44
C SER A 497 18.63 -0.82 -21.77
N GLN A 498 17.85 -1.46 -22.63
CA GLN A 498 17.51 -0.95 -23.95
C GLN A 498 16.01 -0.64 -23.98
N ILE A 499 15.67 0.60 -23.65
CA ILE A 499 14.27 1.02 -23.63
C ILE A 499 14.06 2.17 -24.60
N GLN A 500 14.72 3.30 -24.35
CA GLN A 500 14.59 4.49 -25.18
C GLN A 500 15.57 5.55 -24.71
N ASN A 501 15.62 6.69 -25.40
CA ASN A 501 16.46 7.81 -24.96
C ASN A 501 15.87 8.41 -23.69
N ARG A 502 16.61 8.33 -22.59
CA ARG A 502 16.14 8.76 -21.29
C ARG A 502 16.56 10.20 -21.02
N GLU A 503 15.71 10.92 -20.27
CA GLU A 503 15.98 12.30 -19.89
C GLU A 503 16.09 12.38 -18.38
N PHE A 504 16.99 13.25 -17.91
CA PHE A 504 17.19 13.40 -16.48
C PHE A 504 15.99 14.05 -15.81
N GLY A 505 15.61 13.54 -14.64
CA GLY A 505 14.52 14.10 -13.89
C GLY A 505 13.16 13.47 -14.14
N THR A 506 13.11 12.25 -14.64
CA THR A 506 11.86 11.56 -14.92
C THR A 506 11.86 10.20 -14.25
N GLN A 507 10.69 9.56 -14.27
CA GLN A 507 10.58 8.21 -13.70
C GLN A 507 11.20 7.16 -14.61
N LYS A 508 11.19 7.39 -15.92
CA LYS A 508 11.85 6.48 -16.85
C LYS A 508 13.34 6.39 -16.56
N TYR A 509 13.97 7.50 -16.18
CA TYR A 509 15.38 7.45 -15.82
C TYR A 509 15.60 6.65 -14.54
N GLU A 510 14.68 6.74 -13.58
CA GLU A 510 14.78 5.93 -12.37
C GLU A 510 14.64 4.45 -12.69
N GLN A 511 13.71 4.10 -13.59
CA GLN A 511 13.57 2.71 -13.99
C GLN A 511 14.81 2.22 -14.73
N TRP A 512 15.40 3.07 -15.57
CA TRP A 512 16.64 2.70 -16.26
C TRP A 512 17.77 2.49 -15.25
N ILE A 513 17.83 3.33 -14.22
CA ILE A 513 18.83 3.16 -13.17
C ILE A 513 18.65 1.83 -12.47
N VAL A 514 17.42 1.51 -12.07
CA VAL A 514 17.16 0.24 -11.39
C VAL A 514 17.51 -0.93 -12.29
N THR A 515 17.18 -0.84 -13.58
CA THR A 515 17.45 -1.94 -14.49
C THR A 515 18.94 -2.15 -14.70
N VAL A 516 19.69 -1.07 -14.93
CA VAL A 516 21.13 -1.21 -15.11
C VAL A 516 21.79 -1.67 -13.82
N GLN A 517 21.25 -1.30 -12.66
CA GLN A 517 21.78 -1.79 -11.39
C GLN A 517 21.57 -3.29 -11.27
N LYS A 518 20.35 -3.76 -11.54
CA LYS A 518 20.06 -5.19 -11.47
C LYS A 518 20.81 -5.98 -12.53
N ALA A 519 21.18 -5.35 -13.65
CA ALA A 519 21.94 -6.03 -14.69
C ALA A 519 23.44 -6.07 -14.40
N CYS A 520 23.98 -5.04 -13.72
CA CYS A 520 25.38 -5.05 -13.36
C CYS A 520 25.64 -5.77 -12.05
N MET A 521 24.61 -6.02 -11.25
CA MET A 521 24.79 -6.75 -9.99
C MET A 521 25.00 -8.25 -10.19
N VAL A 522 25.00 -8.75 -11.42
CA VAL A 522 25.11 -10.18 -11.67
C VAL A 522 26.40 -10.48 -12.43
N PHE A 523 27.40 -9.64 -12.27
CA PHE A 523 28.69 -9.87 -12.91
C PHE A 523 29.34 -11.13 -12.37
N GLN A 524 30.01 -11.87 -13.27
CA GLN A 524 30.57 -13.18 -12.95
C GLN A 524 32.06 -13.22 -13.30
N MET A 525 32.80 -12.20 -12.87
CA MET A 525 34.24 -12.18 -13.09
C MET A 525 34.89 -13.29 -12.28
N PRO A 526 35.76 -14.11 -12.89
CA PRO A 526 36.34 -15.25 -12.17
C PRO A 526 37.36 -14.85 -11.11
N ASP A 527 37.71 -13.58 -10.99
CA ASP A 527 38.69 -13.18 -9.99
C ASP A 527 38.12 -13.26 -8.58
N LYS A 528 36.84 -12.95 -8.41
CA LYS A 528 36.13 -13.00 -7.14
C LYS A 528 36.71 -12.05 -6.10
N ASP A 529 37.69 -11.24 -6.50
CA ASP A 529 38.26 -10.20 -5.66
C ASP A 529 38.12 -8.82 -6.25
N GLU A 530 38.39 -8.66 -7.55
CA GLU A 530 38.14 -7.39 -8.23
C GLU A 530 36.68 -7.26 -8.60
N GLU A 531 35.97 -8.38 -8.79
CA GLU A 531 34.55 -8.32 -9.10
C GLU A 531 33.77 -7.67 -7.96
N SER A 532 34.15 -7.95 -6.71
CA SER A 532 33.46 -7.34 -5.57
C SER A 532 33.64 -5.83 -5.58
N ARG A 533 34.87 -5.35 -5.84
CA ARG A 533 35.11 -3.91 -5.88
C ARG A 533 34.36 -3.26 -7.04
N ILE A 534 34.33 -3.93 -8.20
CA ILE A 534 33.62 -3.39 -9.35
C ILE A 534 32.12 -3.28 -9.05
N CYS A 535 31.56 -4.32 -8.44
CA CYS A 535 30.14 -4.31 -8.09
C CYS A 535 29.84 -3.24 -7.05
N LYS A 536 30.73 -3.05 -6.07
CA LYS A 536 30.53 -2.01 -5.08
C LYS A 536 30.57 -0.62 -5.70
N ALA A 537 31.53 -0.39 -6.60
CA ALA A 537 31.61 0.90 -7.28
C ALA A 537 30.37 1.15 -8.14
N LEU A 538 29.91 0.12 -8.84
CA LEU A 538 28.71 0.29 -9.67
C LEU A 538 27.47 0.54 -8.82
N PHE A 539 27.36 -0.14 -7.68
CA PHE A 539 26.23 0.09 -6.78
C PHE A 539 26.27 1.52 -6.24
N LEU A 540 27.46 2.01 -5.86
CA LEU A 540 27.57 3.38 -5.39
C LEU A 540 27.18 4.37 -6.48
N TYR A 541 27.64 4.12 -7.71
CA TYR A 541 27.30 5.00 -8.83
C TYR A 541 25.80 5.04 -9.07
N THR A 542 25.16 3.87 -9.11
CA THR A 542 23.72 3.83 -9.35
C THR A 542 22.93 4.45 -8.21
N SER A 543 23.39 4.27 -6.96
CA SER A 543 22.70 4.88 -5.84
C SER A 543 22.82 6.40 -5.88
N HIS A 544 24.01 6.92 -6.21
CA HIS A 544 24.17 8.36 -6.32
C HIS A 544 23.34 8.92 -7.48
N LEU A 545 23.27 8.19 -8.59
CA LEU A 545 22.45 8.64 -9.71
C LEU A 545 20.97 8.65 -9.35
N ARG A 546 20.51 7.64 -8.61
CA ARG A 546 19.13 7.59 -8.17
C ARG A 546 18.82 8.72 -7.18
N LYS A 547 19.76 9.02 -6.29
CA LYS A 547 19.55 10.15 -5.37
C LYS A 547 19.50 11.46 -6.12
N TYR A 548 20.36 11.63 -7.13
CA TYR A 548 20.32 12.84 -7.94
C TYR A 548 19.01 12.96 -8.71
N ASN A 549 18.49 11.83 -9.20
CA ASN A 549 17.21 11.85 -9.91
C ASN A 549 16.07 12.20 -8.96
N ASP A 550 16.10 11.66 -7.74
CA ASP A 550 15.10 12.03 -6.74
C ASP A 550 15.18 13.51 -6.38
N ALA A 551 16.40 14.04 -6.28
CA ALA A 551 16.56 15.47 -6.02
C ALA A 551 16.03 16.31 -7.17
N LEU A 552 16.24 15.85 -8.41
CA LEU A 552 15.68 16.55 -9.56
C LEU A 552 14.17 16.53 -9.53
N ILE A 553 13.57 15.39 -9.19
CA ILE A 553 12.11 15.30 -9.11
C ILE A 553 11.59 16.22 -8.02
N ILE A 554 12.29 16.28 -6.88
CA ILE A 554 11.87 17.16 -5.79
C ILE A 554 11.95 18.61 -6.20
N SER A 555 13.04 19.01 -6.87
CA SER A 555 13.19 20.38 -7.33
C SER A 555 12.15 20.73 -8.38
N GLU A 556 11.74 19.76 -9.20
CA GLU A 556 10.71 20.01 -10.20
C GLU A 556 9.34 20.17 -9.55
N HIS A 557 9.06 19.37 -8.51
CA HIS A 557 7.78 19.44 -7.82
C HIS A 557 7.80 20.42 -6.66
N ALA A 558 8.67 20.19 -5.68
CA ALA A 558 8.79 21.05 -4.52
C ALA A 558 9.85 22.13 -4.79
N ARG A 559 10.25 22.85 -3.74
CA ARG A 559 11.23 23.92 -3.88
C ARG A 559 12.62 23.37 -4.15
N MET A 560 13.57 24.27 -4.44
CA MET A 560 14.95 23.90 -4.76
C MET A 560 15.78 23.67 -3.50
N LYS A 561 15.60 24.52 -2.49
CA LYS A 561 16.35 24.37 -1.24
C LYS A 561 16.02 23.05 -0.56
N ASP A 562 14.79 22.56 -0.70
CA ASP A 562 14.45 21.26 -0.13
C ASP A 562 15.21 20.14 -0.82
N ALA A 563 15.36 20.22 -2.15
CA ALA A 563 16.15 19.22 -2.86
C ALA A 563 17.61 19.29 -2.48
N LEU A 564 18.14 20.51 -2.32
CA LEU A 564 19.53 20.65 -1.88
C LEU A 564 19.73 20.09 -0.49
N ASP A 565 18.77 20.31 0.42
CA ASP A 565 18.87 19.76 1.76
C ASP A 565 18.76 18.25 1.75
N TYR A 566 17.92 17.70 0.88
CA TYR A 566 17.84 16.24 0.74
C TYR A 566 19.16 15.66 0.26
N LEU A 567 19.78 16.30 -0.74
CA LEU A 567 21.09 15.84 -1.21
C LEU A 567 22.14 15.92 -0.11
N LYS A 568 22.15 17.02 0.64
CA LYS A 568 23.13 17.18 1.71
C LYS A 568 22.91 16.14 2.81
N ASP A 569 21.65 15.85 3.13
CA ASP A 569 21.36 14.84 4.16
C ASP A 569 21.77 13.46 3.70
N PHE A 570 21.51 13.13 2.42
CA PHE A 570 21.94 11.84 1.89
C PHE A 570 23.46 11.72 1.94
N PHE A 571 24.17 12.78 1.54
CA PHE A 571 25.62 12.72 1.53
C PHE A 571 26.18 12.64 2.95
N SER A 572 25.53 13.30 3.92
CA SER A 572 25.98 13.23 5.30
C SER A 572 25.75 11.84 5.88
N ASN A 573 24.60 11.24 5.57
CA ASN A 573 24.31 9.89 6.06
C ASN A 573 25.18 8.83 5.39
N VAL A 574 25.61 9.07 4.15
CA VAL A 574 26.44 8.10 3.44
C VAL A 574 27.93 8.34 3.65
N ARG A 575 28.33 9.51 4.17
CA ARG A 575 29.74 9.77 4.41
C ARG A 575 30.27 9.01 5.62
N ALA A 576 29.46 8.89 6.68
CA ALA A 576 29.89 8.20 7.89
C ALA A 576 29.93 6.68 7.74
N ALA A 577 29.52 6.15 6.59
CA ALA A 577 29.51 4.71 6.38
C ALA A 577 30.81 4.21 5.74
N GLY A 578 31.17 4.79 4.59
CA GLY A 578 32.36 4.36 3.88
C GLY A 578 33.30 5.52 3.61
N PHE A 579 34.56 5.17 3.36
CA PHE A 579 35.60 6.16 3.06
C PHE A 579 36.48 5.73 1.90
N ASP A 580 35.98 4.86 1.02
CA ASP A 580 36.78 4.37 -0.10
C ASP A 580 37.00 5.48 -1.13
N GLU A 581 37.75 5.14 -2.18
CA GLU A 581 38.13 6.14 -3.17
C GLU A 581 36.93 6.62 -3.96
N ILE A 582 36.02 5.71 -4.30
CA ILE A 582 34.83 6.08 -5.08
C ILE A 582 33.97 7.07 -4.30
N GLU A 583 33.66 6.73 -3.05
CA GLU A 583 32.83 7.59 -2.22
C GLU A 583 33.52 8.93 -1.95
N GLN A 584 34.84 8.91 -1.73
CA GLN A 584 35.55 10.15 -1.51
C GLN A 584 35.52 11.05 -2.75
N ASP A 585 35.69 10.46 -3.93
CA ASP A 585 35.64 11.24 -5.16
C ASP A 585 34.26 11.83 -5.38
N LEU A 586 33.21 11.02 -5.16
CA LEU A 586 31.85 11.52 -5.32
C LEU A 586 31.56 12.64 -4.33
N THR A 587 32.01 12.49 -3.08
CA THR A 587 31.75 13.51 -2.08
C THR A 587 32.51 14.80 -2.37
N GLN A 588 33.76 14.69 -2.83
CA GLN A 588 34.52 15.89 -3.16
C GLN A 588 33.94 16.59 -4.38
N ARG A 589 33.43 15.83 -5.36
CA ARG A 589 32.76 16.46 -6.50
C ARG A 589 31.48 17.16 -6.07
N PHE A 590 30.70 16.53 -5.18
CA PHE A 590 29.50 17.17 -4.67
C PHE A 590 29.84 18.43 -3.89
N GLU A 591 30.95 18.41 -3.14
CA GLU A 591 31.36 19.60 -2.41
C GLU A 591 31.83 20.71 -3.34
N GLU A 592 32.50 20.35 -4.44
CA GLU A 592 32.91 21.35 -5.42
C GLU A 592 31.68 21.97 -6.09
N LYS A 593 30.66 21.16 -6.37
CA LYS A 593 29.44 21.69 -7.00
C LYS A 593 28.54 22.43 -6.02
N LEU A 594 28.66 22.16 -4.72
CA LEU A 594 27.79 22.79 -3.74
C LEU A 594 28.03 24.30 -3.66
N GLN A 595 29.26 24.75 -3.93
CA GLN A 595 29.55 26.18 -3.88
C GLN A 595 28.68 26.97 -4.85
N GLU A 596 28.30 26.36 -5.97
CA GLU A 596 27.38 26.99 -6.91
C GLU A 596 25.94 26.57 -6.67
N LEU A 597 25.72 25.35 -6.17
CA LEU A 597 24.37 24.90 -5.87
C LEU A 597 23.70 25.76 -4.81
N GLU A 598 24.45 26.11 -3.75
CA GLU A 598 23.89 26.95 -2.70
C GLU A 598 23.65 28.37 -3.17
N SER A 599 24.44 28.86 -4.13
CA SER A 599 24.21 30.20 -4.68
C SER A 599 22.98 30.21 -5.58
N VAL A 600 22.78 29.15 -6.36
CA VAL A 600 21.59 29.05 -7.21
C VAL A 600 20.35 28.87 -6.35
N SER A 601 20.47 28.14 -5.25
CA SER A 601 19.31 27.88 -4.39
C SER A 601 18.84 29.14 -3.69
N ARG A 602 19.77 30.00 -3.29
CA ARG A 602 19.42 31.24 -2.59
C ARG A 602 18.96 32.35 -3.53
N ASP A 603 18.88 32.08 -4.83
CA ASP A 603 18.43 33.08 -5.78
C ASP A 603 16.91 33.18 -5.72
N PRO A 604 16.34 34.35 -5.38
CA PRO A 604 14.88 34.46 -5.29
C PRO A 604 14.18 34.49 -6.63
N SER A 605 14.91 34.49 -7.75
CA SER A 605 14.31 34.49 -9.08
C SER A 605 14.14 33.09 -9.64
N ASN A 606 14.37 32.04 -8.84
CA ASN A 606 14.25 30.66 -9.28
C ASN A 606 13.14 29.93 -8.52
N GLU A 607 12.13 30.67 -8.07
CA GLU A 607 11.02 30.06 -7.35
C GLU A 607 10.10 29.33 -8.32
N ASN A 608 9.65 28.16 -7.90
CA ASN A 608 8.76 27.36 -8.75
C ASN A 608 7.42 28.08 -8.92
N PRO A 609 6.94 28.24 -10.15
CA PRO A 609 5.62 28.88 -10.34
C PRO A 609 4.48 28.06 -9.77
N LYS A 610 4.63 26.74 -9.68
CA LYS A 610 3.60 25.90 -9.07
C LYS A 610 3.41 26.27 -7.61
N LEU A 611 4.52 26.37 -6.86
CA LEU A 611 4.43 26.81 -5.47
C LEU A 611 3.93 28.23 -5.36
N GLU A 612 4.23 29.07 -6.37
CA GLU A 612 3.75 30.45 -6.36
C GLU A 612 2.22 30.49 -6.43
N ASP A 613 1.64 29.78 -7.40
CA ASP A 613 0.19 29.77 -7.51
C ASP A 613 -0.46 29.03 -6.34
N LEU A 614 0.23 28.04 -5.77
CA LEU A 614 -0.28 27.39 -4.58
C LEU A 614 -0.36 28.36 -3.41
N CYS A 615 0.69 29.14 -3.20
CA CYS A 615 0.66 30.17 -2.16
C CYS A 615 -0.42 31.21 -2.44
N PHE A 616 -0.60 31.57 -3.70
CA PHE A 616 -1.61 32.57 -4.05
C PHE A 616 -3.02 32.06 -3.73
N ILE A 617 -3.33 30.83 -4.14
CA ILE A 617 -4.66 30.30 -3.90
C ILE A 617 -4.87 30.05 -2.40
N LEU A 618 -3.82 29.64 -1.68
CA LEU A 618 -3.95 29.49 -0.23
C LEU A 618 -4.23 30.83 0.44
N GLN A 619 -3.54 31.89 0.00
CA GLN A 619 -3.77 33.22 0.56
C GLN A 619 -5.18 33.69 0.27
N GLU A 620 -5.67 33.48 -0.95
CA GLU A 620 -7.01 33.94 -1.28
C GLU A 620 -8.07 33.13 -0.53
N GLU A 621 -7.82 31.83 -0.32
CA GLU A 621 -8.79 31.01 0.40
C GLU A 621 -8.82 31.36 1.87
N TYR A 622 -7.67 31.68 2.45
CA TYR A 622 -7.63 32.08 3.86
C TYR A 622 -8.10 33.52 4.06
N HIS A 623 -8.04 34.36 3.02
CA HIS A 623 -8.62 35.69 3.11
C HIS A 623 -10.14 35.64 2.96
N LEU A 624 -10.64 34.69 2.15
CA LEU A 624 -12.08 34.49 2.06
C LEU A 624 -12.65 34.00 3.40
N ASN A 625 -11.98 33.03 4.02
CA ASN A 625 -12.38 32.52 5.32
C ASN A 625 -11.15 32.16 6.13
N PRO A 626 -10.94 32.77 7.30
CA PRO A 626 -9.73 32.52 8.08
C PRO A 626 -9.78 31.28 8.96
N GLU A 627 -10.75 30.39 8.78
CA GLU A 627 -10.90 29.19 9.59
C GLU A 627 -11.10 27.96 8.71
N THR A 628 -10.27 27.84 7.68
CA THR A 628 -10.34 26.70 6.76
C THR A 628 -9.29 25.67 7.13
N ILE A 629 -9.73 24.43 7.32
CA ILE A 629 -8.82 23.30 7.58
C ILE A 629 -8.54 22.63 6.24
N THR A 630 -7.33 22.82 5.73
CA THR A 630 -6.96 22.34 4.41
C THR A 630 -6.17 21.03 4.51
N ILE A 631 -6.28 20.23 3.45
CA ILE A 631 -5.55 18.97 3.33
C ILE A 631 -4.81 18.97 2.00
N LEU A 632 -3.53 18.64 2.05
CA LEU A 632 -2.65 18.70 0.88
C LEU A 632 -2.11 17.30 0.61
N PHE A 633 -2.51 16.73 -0.52
CA PHE A 633 -2.06 15.40 -0.93
C PHE A 633 -0.88 15.54 -1.88
N VAL A 634 0.15 14.72 -1.66
CA VAL A 634 1.33 14.68 -2.53
C VAL A 634 1.56 13.24 -2.96
N LYS A 635 2.41 13.08 -3.96
CA LYS A 635 2.67 11.75 -4.51
C LYS A 635 3.63 10.96 -3.63
N THR A 636 4.87 11.46 -3.49
CA THR A 636 5.91 10.78 -2.73
C THR A 636 6.06 11.41 -1.35
N ARG A 637 6.39 10.57 -0.37
CA ARG A 637 6.57 11.05 1.00
C ARG A 637 7.72 12.04 1.12
N ALA A 638 8.66 12.04 0.18
CA ALA A 638 9.78 12.97 0.22
C ALA A 638 9.35 14.42 0.04
N LEU A 639 8.09 14.68 -0.31
CA LEU A 639 7.58 16.03 -0.41
C LEU A 639 6.75 16.45 0.81
N VAL A 640 6.33 15.48 1.64
CA VAL A 640 5.57 15.80 2.84
C VAL A 640 6.34 16.73 3.77
N ASP A 641 7.66 16.53 3.89
CA ASP A 641 8.51 17.43 4.67
C ASP A 641 9.01 18.61 3.87
N ALA A 642 9.17 18.46 2.55
CA ALA A 642 9.61 19.58 1.72
C ALA A 642 8.58 20.71 1.74
N LEU A 643 7.31 20.38 1.51
CA LEU A 643 6.26 21.39 1.56
C LEU A 643 6.07 21.94 2.97
N LYS A 644 6.29 21.11 3.99
CA LYS A 644 6.22 21.59 5.36
C LYS A 644 7.29 22.64 5.64
N ASN A 645 8.53 22.37 5.22
CA ASN A 645 9.60 23.35 5.39
C ASN A 645 9.34 24.59 4.54
N TRP A 646 8.75 24.42 3.35
CA TRP A 646 8.41 25.57 2.53
C TRP A 646 7.36 26.45 3.20
N ILE A 647 6.39 25.83 3.86
CA ILE A 647 5.37 26.59 4.58
C ILE A 647 5.99 27.29 5.79
N GLU A 648 6.86 26.59 6.53
CA GLU A 648 7.46 27.18 7.71
C GLU A 648 8.44 28.31 7.36
N GLY A 649 9.03 28.27 6.17
CA GLY A 649 10.04 29.23 5.80
C GLY A 649 9.55 30.42 5.00
N ASN A 650 8.55 30.19 4.15
CA ASN A 650 8.05 31.26 3.29
C ASN A 650 7.25 32.27 4.12
N PRO A 651 7.64 33.55 4.13
CA PRO A 651 6.92 34.52 4.97
C PRO A 651 5.56 34.93 4.43
N LYS A 652 5.26 34.64 3.16
CA LYS A 652 3.99 35.06 2.59
C LYS A 652 2.81 34.28 3.17
N LEU A 653 3.06 33.18 3.86
CA LEU A 653 2.01 32.38 4.50
C LEU A 653 2.45 32.09 5.93
N SER A 654 1.88 32.81 6.90
CA SER A 654 2.18 32.61 8.30
C SER A 654 1.01 32.05 9.10
N PHE A 655 -0.18 32.00 8.53
CA PHE A 655 -1.34 31.45 9.21
C PHE A 655 -1.39 29.93 9.18
N LEU A 656 -0.48 29.29 8.46
CA LEU A 656 -0.46 27.84 8.34
C LEU A 656 0.36 27.22 9.45
N LYS A 657 0.07 25.95 9.74
CA LYS A 657 0.75 25.19 10.78
C LYS A 657 1.17 23.84 10.23
N PRO A 658 2.26 23.25 10.74
CA PRO A 658 2.69 21.95 10.24
C PRO A 658 1.65 20.87 10.49
N GLY A 659 1.40 20.06 9.46
CA GLY A 659 0.39 19.02 9.54
C GLY A 659 0.85 17.70 8.98
N ILE A 660 2.13 17.37 9.17
CA ILE A 660 2.68 16.12 8.65
C ILE A 660 1.94 14.94 9.27
N LEU A 661 1.50 14.03 8.43
CA LEU A 661 0.76 12.85 8.89
C LEU A 661 1.31 11.59 8.23
N ASP A 690 -5.07 22.96 16.38
CA ASP A 690 -3.73 23.54 16.38
C ASP A 690 -3.09 23.47 14.99
N HIS A 691 -3.34 22.37 14.29
CA HIS A 691 -2.80 22.16 12.95
C HIS A 691 -3.77 22.77 11.93
N ASN A 692 -3.32 23.80 11.22
CA ASN A 692 -4.17 24.47 10.24
C ASN A 692 -4.25 23.66 8.95
N ILE A 693 -3.11 23.46 8.30
CA ILE A 693 -3.05 22.68 7.06
C ILE A 693 -2.39 21.33 7.37
N LEU A 694 -2.93 20.26 6.80
CA LEU A 694 -2.46 18.90 7.02
C LEU A 694 -1.88 18.38 5.70
N ILE A 695 -0.57 18.22 5.65
CA ILE A 695 0.09 17.70 4.46
C ILE A 695 0.26 16.20 4.61
N ALA A 696 -0.50 15.43 3.85
CA ALA A 696 -0.48 13.97 3.91
C ALA A 696 -0.33 13.41 2.51
N THR A 697 -0.45 12.09 2.39
CA THR A 697 -0.35 11.39 1.12
C THR A 697 -1.61 10.63 0.74
N SER A 698 -2.24 9.93 1.68
CA SER A 698 -3.43 9.16 1.38
C SER A 698 -4.28 9.06 2.64
N VAL A 699 -5.56 8.75 2.45
CA VAL A 699 -6.49 8.63 3.56
C VAL A 699 -7.09 7.23 3.59
N ALA A 707 -12.59 14.04 8.83
CA ALA A 707 -12.59 15.25 9.64
C ALA A 707 -13.40 16.36 8.99
N GLN A 708 -12.94 17.60 9.14
CA GLN A 708 -13.62 18.74 8.56
C GLN A 708 -13.50 18.73 7.04
N CYS A 709 -12.27 18.75 6.53
CA CYS A 709 -11.98 18.73 5.10
C CYS A 709 -12.69 19.89 4.39
N ASN A 710 -12.35 21.11 4.81
CA ASN A 710 -12.94 22.30 4.22
C ASN A 710 -12.35 22.64 2.85
N LEU A 711 -11.17 22.10 2.52
CA LEU A 711 -10.57 22.34 1.21
C LEU A 711 -9.49 21.30 0.98
N VAL A 712 -9.51 20.67 -0.20
CA VAL A 712 -8.54 19.65 -0.58
C VAL A 712 -7.74 20.14 -1.77
N ILE A 713 -6.44 19.92 -1.76
CA ILE A 713 -5.53 20.38 -2.80
C ILE A 713 -4.75 19.17 -3.29
N LEU A 714 -4.97 18.78 -4.55
CA LEU A 714 -4.25 17.66 -5.16
C LEU A 714 -3.03 18.20 -5.90
N TYR A 715 -1.96 18.43 -5.15
CA TYR A 715 -0.70 18.94 -5.71
C TYR A 715 0.02 17.80 -6.41
N GLU A 716 -0.18 17.70 -7.73
CA GLU A 716 0.43 16.66 -8.55
C GLU A 716 0.08 15.27 -8.03
N TYR A 717 -1.16 15.09 -7.60
CA TYR A 717 -1.65 13.84 -7.05
C TYR A 717 -2.76 13.30 -7.95
N VAL A 718 -2.62 12.07 -8.41
CA VAL A 718 -3.61 11.46 -9.28
C VAL A 718 -3.96 10.06 -8.77
N GLY A 731 -15.81 14.13 5.28
CA GLY A 731 -15.68 15.57 5.33
C GLY A 731 -16.90 16.28 5.88
N ARG A 732 -16.76 17.56 6.16
CA ARG A 732 -17.85 18.38 6.68
C ARG A 732 -17.68 19.80 6.16
N ALA A 733 -18.41 20.74 6.76
CA ALA A 733 -18.37 22.16 6.39
C ALA A 733 -18.71 22.33 4.91
N ARG A 734 -19.96 21.99 4.59
CA ARG A 734 -20.48 22.04 3.23
C ARG A 734 -20.13 23.37 2.55
N GLY A 735 -19.60 23.27 1.34
CA GLY A 735 -19.12 24.44 0.62
C GLY A 735 -17.64 24.33 0.31
N SER A 736 -17.14 23.10 0.27
CA SER A 736 -15.72 22.84 0.05
C SER A 736 -15.42 22.69 -1.44
N LYS A 737 -14.17 22.95 -1.80
CA LYS A 737 -13.68 22.82 -3.16
C LYS A 737 -12.53 21.83 -3.21
N CYS A 738 -12.07 21.54 -4.42
CA CYS A 738 -10.97 20.60 -4.62
C CYS A 738 -10.12 21.11 -5.77
N PHE A 739 -8.98 21.73 -5.43
CA PHE A 739 -8.06 22.22 -6.44
C PHE A 739 -7.16 21.10 -6.94
N LEU A 740 -6.80 21.17 -8.21
CA LEU A 740 -5.94 20.18 -8.86
C LEU A 740 -4.81 20.92 -9.57
N LEU A 741 -3.70 21.10 -8.86
CA LEU A 741 -2.53 21.74 -9.44
C LEU A 741 -1.64 20.69 -10.11
N THR A 742 -1.48 20.83 -11.42
CA THR A 742 -0.69 19.88 -12.20
C THR A 742 -0.12 20.60 -13.41
N SER A 743 1.12 20.23 -13.76
CA SER A 743 1.81 20.79 -14.92
C SER A 743 1.65 19.92 -16.17
N ASN A 744 0.64 19.04 -16.18
CA ASN A 744 0.39 18.15 -17.31
C ASN A 744 -1.11 18.02 -17.50
N ALA A 745 -1.55 18.01 -18.76
CA ALA A 745 -2.96 17.84 -19.07
C ALA A 745 -3.41 16.39 -18.93
N GLY A 746 -2.46 15.46 -18.77
CA GLY A 746 -2.82 14.06 -18.61
C GLY A 746 -3.64 13.82 -17.35
N VAL A 747 -3.25 14.45 -16.24
CA VAL A 747 -4.00 14.29 -15.00
C VAL A 747 -5.37 14.94 -15.12
N ILE A 748 -5.47 16.04 -15.86
CA ILE A 748 -6.77 16.68 -16.09
C ILE A 748 -7.68 15.74 -16.87
N GLU A 749 -7.16 15.13 -17.93
CA GLU A 749 -7.95 14.18 -18.71
C GLU A 749 -8.33 12.96 -17.88
N LYS A 750 -7.42 12.51 -17.01
CA LYS A 750 -7.71 11.37 -16.15
C LYS A 750 -8.83 11.70 -15.17
N GLU A 751 -8.82 12.91 -14.60
CA GLU A 751 -9.89 13.30 -13.70
C GLU A 751 -11.22 13.47 -14.45
N GLN A 752 -11.17 13.99 -15.67
CA GLN A 752 -12.38 14.11 -16.48
C GLN A 752 -12.99 12.74 -16.76
N ILE A 753 -12.17 11.78 -17.21
CA ILE A 753 -12.68 10.45 -17.48
C ILE A 753 -13.07 9.74 -16.19
N ASN A 754 -12.48 10.10 -15.04
CA ASN A 754 -12.92 9.53 -13.77
C ASN A 754 -14.31 10.04 -13.40
N MET A 755 -14.57 11.33 -13.60
CA MET A 755 -15.92 11.84 -13.38
C MET A 755 -16.91 11.19 -14.33
N TYR A 756 -16.52 11.01 -15.59
CA TYR A 756 -17.39 10.31 -16.54
C TYR A 756 -17.65 8.88 -16.10
N LYS A 757 -16.63 8.22 -15.54
CA LYS A 757 -16.80 6.85 -15.06
C LYS A 757 -17.73 6.82 -13.85
N GLU A 758 -17.65 7.83 -12.98
CA GLU A 758 -18.57 7.90 -11.85
C GLU A 758 -20.01 8.09 -12.33
N LYS A 759 -20.22 8.96 -13.32
CA LYS A 759 -21.55 9.17 -13.86
C LYS A 759 -22.09 7.89 -14.50
N MET A 760 -21.26 7.21 -15.29
CA MET A 760 -21.72 5.99 -15.94
C MET A 760 -21.89 4.85 -14.94
N MET A 761 -21.16 4.88 -13.82
CA MET A 761 -21.36 3.89 -12.78
C MET A 761 -22.70 4.12 -12.07
N ASN A 762 -23.05 5.39 -11.84
CA ASN A 762 -24.38 5.68 -11.31
C ASN A 762 -25.46 5.21 -12.28
N ASP A 763 -25.27 5.46 -13.58
CA ASP A 763 -26.23 5.01 -14.58
C ASP A 763 -26.34 3.49 -14.59
N SER A 764 -25.22 2.79 -14.44
CA SER A 764 -25.24 1.33 -14.43
C SER A 764 -25.91 0.79 -13.17
N ILE A 765 -25.72 1.47 -12.04
CA ILE A 765 -26.41 1.10 -10.81
C ILE A 765 -27.92 1.24 -10.99
N LEU A 766 -28.34 2.35 -11.61
CA LEU A 766 -29.76 2.54 -11.89
C LEU A 766 -30.29 1.44 -12.82
N ARG A 767 -29.53 1.11 -13.87
CA ARG A 767 -29.95 0.07 -14.80
C ARG A 767 -30.05 -1.28 -14.12
N LEU A 768 -29.13 -1.58 -13.21
CA LEU A 768 -29.17 -2.86 -12.51
C LEU A 768 -30.33 -2.90 -11.53
N GLN A 769 -30.64 -1.77 -10.89
CA GLN A 769 -31.83 -1.70 -10.04
C GLN A 769 -33.10 -1.87 -10.85
N THR A 770 -33.07 -1.45 -12.13
CA THR A 770 -34.22 -1.66 -13.00
C THR A 770 -34.47 -3.15 -13.24
N TRP A 771 -33.41 -3.94 -13.30
CA TRP A 771 -33.53 -5.36 -13.56
C TRP A 771 -34.24 -6.06 -12.39
N ASP A 772 -34.63 -7.31 -12.64
CA ASP A 772 -35.29 -8.13 -11.64
C ASP A 772 -34.26 -8.93 -10.84
N GLU A 773 -34.72 -9.51 -9.74
CA GLU A 773 -33.84 -10.27 -8.86
C GLU A 773 -33.58 -11.68 -9.34
N ALA A 774 -34.40 -12.21 -10.25
CA ALA A 774 -34.22 -13.58 -10.72
C ALA A 774 -33.12 -13.65 -11.78
N VAL A 775 -33.29 -12.91 -12.88
CA VAL A 775 -32.29 -12.92 -13.95
C VAL A 775 -30.95 -12.44 -13.44
N PHE A 776 -30.94 -11.46 -12.53
CA PHE A 776 -29.70 -11.03 -11.92
C PHE A 776 -29.06 -12.15 -11.11
N ARG A 777 -29.89 -12.95 -10.43
CA ARG A 777 -29.36 -14.08 -9.66
C ARG A 777 -28.74 -15.12 -10.58
N GLU A 778 -29.40 -15.45 -11.69
CA GLU A 778 -28.82 -16.38 -12.64
C GLU A 778 -27.53 -15.84 -13.24
N LYS A 779 -27.48 -14.53 -13.53
CA LYS A 779 -26.30 -13.93 -14.10
C LYS A 779 -25.12 -13.98 -13.14
N ILE A 780 -25.35 -13.61 -11.87
CA ILE A 780 -24.27 -13.65 -10.89
C ILE A 780 -23.85 -15.09 -10.60
N LEU A 781 -24.79 -16.03 -10.67
CA LEU A 781 -24.43 -17.44 -10.50
C LEU A 781 -23.52 -17.91 -11.62
N HIS A 782 -23.86 -17.56 -12.87
CA HIS A 782 -22.98 -17.93 -13.98
C HIS A 782 -21.62 -17.26 -13.87
N ILE A 783 -21.60 -15.99 -13.44
CA ILE A 783 -20.33 -15.26 -13.33
C ILE A 783 -19.45 -15.90 -12.25
N GLN A 784 -20.03 -16.22 -11.10
CA GLN A 784 -19.27 -16.85 -10.03
C GLN A 784 -18.87 -18.28 -10.38
N THR A 785 -19.65 -18.99 -11.19
CA THR A 785 -19.23 -20.32 -11.64
C THR A 785 -18.03 -20.21 -12.57
N HIS A 786 -18.07 -19.26 -13.51
CA HIS A 786 -16.91 -19.03 -14.37
C HIS A 786 -15.70 -18.60 -13.56
N GLU A 787 -15.90 -17.79 -12.52
CA GLU A 787 -14.80 -17.36 -11.67
C GLU A 787 -14.19 -18.55 -10.93
N LYS A 788 -15.03 -19.41 -10.36
CA LYS A 788 -14.52 -20.60 -9.68
C LYS A 788 -13.78 -21.50 -10.66
N PHE A 789 -14.27 -21.61 -11.89
CA PHE A 789 -13.61 -22.44 -12.89
C PHE A 789 -12.23 -21.90 -13.23
N ILE A 790 -12.14 -20.59 -13.54
CA ILE A 790 -10.86 -20.03 -13.91
C ILE A 790 -9.90 -20.00 -12.72
N ARG A 791 -10.44 -19.92 -11.50
CA ARG A 791 -9.59 -19.96 -10.32
C ARG A 791 -9.03 -21.36 -10.09
N ASP A 792 -9.85 -22.40 -10.23
CA ASP A 792 -9.35 -23.76 -10.13
C ASP A 792 -8.41 -24.10 -11.27
N SER A 793 -8.54 -23.41 -12.41
CA SER A 793 -7.64 -23.65 -13.53
C SER A 793 -6.23 -23.16 -13.22
N GLN A 794 -6.10 -21.93 -12.72
CA GLN A 794 -4.79 -21.34 -12.43
C GLN A 794 -4.30 -21.83 -11.08
N GLU A 795 -4.03 -23.14 -11.02
CA GLU A 795 -3.51 -23.78 -9.82
C GLU A 795 -2.20 -24.47 -10.19
N LYS A 796 -1.10 -23.74 -10.03
CA LYS A 796 0.22 -24.27 -10.37
C LYS A 796 0.62 -25.33 -9.35
N PRO A 797 0.97 -26.54 -9.77
CA PRO A 797 1.39 -27.58 -8.82
C PRO A 797 2.71 -27.22 -8.15
N LYS A 798 3.09 -28.04 -7.18
CA LYS A 798 4.33 -27.85 -6.44
C LYS A 798 5.53 -27.98 -7.37
N PRO A 799 6.30 -26.91 -7.57
CA PRO A 799 7.45 -26.99 -8.47
C PRO A 799 8.57 -27.82 -7.87
N VAL A 800 9.36 -28.43 -8.76
CA VAL A 800 10.48 -29.26 -8.37
C VAL A 800 11.53 -28.39 -7.68
N PRO A 801 11.82 -28.63 -6.40
CA PRO A 801 12.81 -27.79 -5.71
C PRO A 801 14.22 -28.09 -6.18
N ASP A 802 15.03 -27.04 -6.28
CA ASP A 802 16.42 -27.19 -6.71
C ASP A 802 17.23 -27.89 -5.62
N LYS A 803 17.63 -29.13 -5.89
CA LYS A 803 18.37 -29.92 -4.91
C LYS A 803 19.80 -29.46 -4.74
N GLU A 804 20.28 -28.54 -5.58
CA GLU A 804 21.65 -28.04 -5.47
C GLU A 804 21.78 -27.13 -4.26
N ASN A 805 22.99 -27.09 -3.69
CA ASN A 805 23.26 -26.30 -2.50
C ASN A 805 23.85 -24.95 -2.91
N LYS A 806 23.00 -24.14 -3.52
CA LYS A 806 23.39 -22.80 -3.91
C LYS A 806 23.59 -21.92 -2.69
N LYS A 807 24.28 -20.79 -2.90
CA LYS A 807 24.61 -19.85 -1.83
C LYS A 807 24.05 -18.47 -2.16
N LEU A 808 24.08 -17.60 -1.15
CA LEU A 808 23.60 -16.23 -1.28
C LEU A 808 24.75 -15.27 -1.02
N LEU A 809 24.77 -14.17 -1.77
CA LEU A 809 25.80 -13.17 -1.65
C LEU A 809 25.17 -11.79 -1.52
N CYS A 810 25.92 -10.86 -0.94
CA CYS A 810 25.42 -9.50 -0.75
C CYS A 810 25.23 -8.81 -2.09
N ARG A 811 24.40 -7.75 -2.07
CA ARG A 811 24.11 -7.02 -3.30
C ARG A 811 25.26 -6.10 -3.69
N LYS A 812 25.66 -5.20 -2.80
CA LYS A 812 26.68 -4.21 -3.09
C LYS A 812 28.08 -4.65 -2.70
N CYS A 813 28.26 -5.89 -2.25
CA CYS A 813 29.58 -6.40 -1.86
C CYS A 813 29.92 -7.75 -2.46
N LYS A 814 28.94 -8.60 -2.76
CA LYS A 814 29.18 -9.92 -3.35
C LYS A 814 30.05 -10.79 -2.45
N ALA A 815 29.74 -10.78 -1.16
CA ALA A 815 30.45 -11.60 -0.18
C ALA A 815 29.60 -12.81 0.19
N LEU A 816 30.28 -13.94 0.45
CA LEU A 816 29.60 -15.17 0.82
C LEU A 816 28.88 -15.00 2.15
N ALA A 817 27.55 -15.05 2.10
CA ALA A 817 26.74 -14.89 3.30
C ALA A 817 26.40 -16.24 3.94
N CYS A 818 25.71 -17.10 3.19
CA CYS A 818 25.29 -18.40 3.70
C CYS A 818 24.78 -19.24 2.54
N TYR A 819 24.86 -20.55 2.71
CA TYR A 819 24.34 -21.50 1.73
C TYR A 819 22.87 -21.78 1.99
N THR A 820 22.21 -22.39 1.01
CA THR A 820 20.79 -22.73 1.16
C THR A 820 20.60 -23.91 2.10
N ALA A 821 21.66 -24.68 2.39
CA ALA A 821 21.54 -25.78 3.33
C ALA A 821 21.36 -25.31 4.76
N ASP A 822 21.70 -24.05 5.05
CA ASP A 822 21.53 -23.48 6.38
C ASP A 822 20.31 -22.57 6.49
N VAL A 823 19.51 -22.47 5.44
CA VAL A 823 18.31 -21.63 5.43
C VAL A 823 17.12 -22.50 5.85
N ARG A 824 16.40 -22.04 6.87
CA ARG A 824 15.25 -22.75 7.41
C ARG A 824 14.02 -21.86 7.36
N VAL A 825 12.94 -22.38 6.81
CA VAL A 825 11.68 -21.66 6.76
C VAL A 825 10.89 -21.92 8.04
N ILE A 826 10.23 -20.89 8.55
CA ILE A 826 9.56 -20.98 9.84
C ILE A 826 8.09 -21.32 9.65
N GLU A 827 7.34 -20.45 8.98
CA GLU A 827 5.91 -20.61 8.78
C GLU A 827 5.53 -20.39 7.31
N GLU A 828 6.33 -20.95 6.41
CA GLU A 828 6.11 -20.87 4.97
C GLU A 828 6.24 -19.44 4.44
N CYS A 829 6.52 -18.49 5.32
CA CYS A 829 6.68 -17.09 4.95
C CYS A 829 8.06 -16.55 5.30
N HIS A 830 8.53 -16.80 6.52
CA HIS A 830 9.79 -16.24 6.99
C HIS A 830 10.90 -17.28 6.86
N TYR A 831 12.10 -16.81 6.53
CA TYR A 831 13.29 -17.65 6.40
C TYR A 831 14.39 -17.10 7.29
N THR A 832 15.11 -18.01 7.95
CA THR A 832 16.17 -17.62 8.89
C THR A 832 17.38 -18.51 8.65
N VAL A 833 18.49 -18.16 9.29
CA VAL A 833 19.73 -18.92 9.23
C VAL A 833 20.16 -19.25 10.66
N LEU A 834 20.59 -20.49 10.88
CA LEU A 834 21.00 -20.95 12.21
C LEU A 834 22.48 -21.30 12.29
N GLY A 835 23.24 -21.13 11.22
CA GLY A 835 24.65 -21.46 11.27
C GLY A 835 25.42 -20.52 12.18
N ASP A 836 26.54 -21.03 12.70
CA ASP A 836 27.38 -20.25 13.60
C ASP A 836 28.32 -19.30 12.86
N ALA A 837 28.75 -19.65 11.65
CA ALA A 837 29.58 -18.75 10.87
C ALA A 837 28.79 -17.53 10.40
N PHE A 838 27.51 -17.71 10.11
CA PHE A 838 26.66 -16.59 9.71
C PHE A 838 26.34 -15.67 10.88
N LYS A 839 26.42 -16.16 12.12
CA LYS A 839 26.11 -15.34 13.27
C LYS A 839 27.05 -14.15 13.41
N GLU A 840 28.30 -14.29 12.96
CA GLU A 840 29.27 -13.20 12.99
C GLU A 840 29.40 -12.50 11.64
N CYS A 841 28.62 -12.91 10.64
CA CYS A 841 28.70 -12.32 9.31
C CYS A 841 27.88 -11.05 9.18
N PHE A 842 27.13 -10.67 10.21
CA PHE A 842 26.30 -9.47 10.19
C PHE A 842 26.56 -8.66 11.46
N VAL A 843 26.02 -7.44 11.49
CA VAL A 843 26.10 -6.55 12.63
C VAL A 843 24.70 -6.08 12.96
N SER A 844 24.46 -5.80 14.24
CA SER A 844 23.14 -5.37 14.69
C SER A 844 23.04 -3.85 14.72
N ARG A 845 21.81 -3.35 14.59
CA ARG A 845 21.55 -1.92 14.65
C ARG A 845 20.14 -1.67 15.18
N PRO A 846 19.97 -0.73 16.12
CA PRO A 846 18.64 -0.52 16.72
C PRO A 846 17.58 -0.19 15.68
N HIS A 847 16.43 -0.84 15.80
CA HIS A 847 15.33 -0.67 14.87
C HIS A 847 14.57 0.62 15.17
N PRO A 848 14.31 1.45 14.16
CA PRO A 848 13.55 2.70 14.41
C PRO A 848 12.07 2.47 14.67
N LYS A 849 11.48 1.42 14.11
CA LYS A 849 10.05 1.16 14.28
C LYS A 849 9.83 -0.34 14.50
N PRO A 850 10.00 -0.81 15.74
CA PRO A 850 9.76 -2.23 16.02
C PRO A 850 8.30 -2.52 16.32
N LYS A 851 7.84 -3.69 15.86
CA LYS A 851 6.46 -4.10 16.08
C LYS A 851 6.37 -5.60 15.86
N GLN A 852 5.52 -6.24 16.68
CA GLN A 852 5.30 -7.67 16.60
C GLN A 852 4.10 -7.97 15.72
N PHE A 853 4.19 -9.05 14.94
CA PHE A 853 3.10 -9.46 14.06
C PHE A 853 2.80 -10.95 14.27
N SER A 854 2.08 -11.24 15.36
CA SER A 854 1.38 -12.51 15.56
C SER A 854 2.29 -13.73 15.64
N SER A 855 3.58 -13.57 15.33
CA SER A 855 4.50 -14.70 15.39
C SER A 855 5.85 -14.39 16.02
N PHE A 856 6.35 -13.16 15.94
CA PHE A 856 7.67 -12.80 16.43
C PHE A 856 7.62 -11.49 17.20
N GLU A 857 8.80 -10.99 17.53
CA GLU A 857 8.93 -9.64 18.09
C GLU A 857 10.27 -9.08 17.62
N LYS A 858 10.23 -7.91 17.00
CA LYS A 858 11.43 -7.30 16.46
C LYS A 858 12.35 -6.83 17.60
N ARG A 859 13.65 -6.90 17.36
CA ARG A 859 14.64 -6.38 18.31
C ARG A 859 15.61 -5.39 17.66
N ALA A 860 16.02 -5.66 16.42
CA ALA A 860 16.98 -4.82 15.73
C ALA A 860 17.04 -5.25 14.26
N LYS A 861 17.75 -4.46 13.46
CA LYS A 861 18.00 -4.80 12.06
C LYS A 861 19.42 -5.32 11.93
N ILE A 862 19.64 -6.14 10.90
CA ILE A 862 20.95 -6.72 10.61
C ILE A 862 21.51 -6.07 9.36
N PHE A 863 22.81 -5.80 9.37
CA PHE A 863 23.51 -5.21 8.24
C PHE A 863 24.76 -6.02 7.94
N CYS A 864 25.28 -5.84 6.72
CA CYS A 864 26.45 -6.60 6.28
C CYS A 864 27.68 -6.22 7.09
N ALA A 865 28.42 -7.23 7.53
CA ALA A 865 29.63 -7.02 8.33
C ALA A 865 30.86 -7.09 7.42
N ARG A 866 31.12 -5.97 6.74
CA ARG A 866 32.27 -5.83 5.86
C ARG A 866 33.00 -4.54 6.20
N GLN A 867 33.96 -4.18 5.36
CA GLN A 867 34.76 -2.98 5.60
C GLN A 867 33.89 -1.72 5.55
N ASN A 868 33.30 -1.45 4.38
CA ASN A 868 32.47 -0.26 4.18
C ASN A 868 31.23 -0.60 3.36
N CYS A 869 30.58 -1.72 3.68
CA CYS A 869 29.40 -2.15 2.93
C CYS A 869 28.11 -1.64 3.58
N SER A 870 27.85 -2.06 4.81
CA SER A 870 26.67 -1.62 5.58
C SER A 870 25.38 -1.76 4.76
N HIS A 871 25.18 -2.96 4.20
CA HIS A 871 24.01 -3.23 3.39
C HIS A 871 22.95 -3.95 4.21
N ASP A 872 21.69 -3.58 3.99
CA ASP A 872 20.58 -4.21 4.70
C ASP A 872 20.41 -5.65 4.25
N TRP A 873 20.44 -6.58 5.21
CA TRP A 873 20.31 -8.00 4.91
C TRP A 873 19.01 -8.60 5.41
N GLY A 874 18.38 -7.99 6.41
CA GLY A 874 17.14 -8.51 6.96
C GLY A 874 16.70 -7.81 8.22
N ILE A 875 16.33 -8.57 9.25
CA ILE A 875 15.86 -8.00 10.51
C ILE A 875 15.98 -9.07 11.59
N HIS A 876 16.33 -8.64 12.80
CA HIS A 876 16.50 -9.53 13.94
C HIS A 876 15.21 -9.57 14.75
N VAL A 877 14.67 -10.78 14.95
CA VAL A 877 13.43 -10.97 15.67
C VAL A 877 13.59 -12.10 16.68
N LYS A 878 12.56 -12.31 17.47
CA LYS A 878 12.46 -13.44 18.39
C LYS A 878 11.15 -14.17 18.13
N TYR A 879 11.24 -15.49 17.93
CA TYR A 879 10.04 -16.27 17.61
C TYR A 879 9.28 -16.64 18.88
N LYS A 880 9.88 -17.46 19.74
CA LYS A 880 9.33 -17.76 21.05
C LYS A 880 10.27 -17.39 22.18
N THR A 881 11.51 -17.89 22.15
CA THR A 881 12.53 -17.54 23.13
C THR A 881 13.90 -17.30 22.53
N PHE A 882 14.14 -17.71 21.29
CA PHE A 882 15.44 -17.56 20.66
C PHE A 882 15.54 -16.21 19.96
N GLU A 883 16.66 -16.01 19.25
CA GLU A 883 16.92 -14.80 18.50
C GLU A 883 17.35 -15.19 17.09
N ILE A 884 16.57 -14.79 16.09
CA ILE A 884 16.82 -15.20 14.72
C ILE A 884 16.96 -13.96 13.82
N PRO A 885 18.06 -13.85 13.07
CA PRO A 885 18.16 -12.79 12.05
C PRO A 885 17.52 -13.20 10.74
N VAL A 886 16.20 -13.02 10.62
CA VAL A 886 15.48 -13.45 9.42
C VAL A 886 15.87 -12.51 8.28
N ILE A 887 16.34 -13.09 7.17
CA ILE A 887 16.83 -12.33 6.04
C ILE A 887 15.78 -12.37 4.93
N LYS A 888 15.98 -11.53 3.93
CA LYS A 888 15.10 -11.43 2.77
C LYS A 888 15.90 -11.76 1.51
N ILE A 889 15.32 -12.57 0.63
CA ILE A 889 15.97 -12.91 -0.63
C ILE A 889 16.05 -11.74 -1.59
N GLU A 890 15.31 -10.66 -1.32
CA GLU A 890 15.36 -9.48 -2.18
C GLU A 890 16.74 -8.82 -2.14
N SER A 891 17.29 -8.66 -0.94
CA SER A 891 18.61 -8.05 -0.77
C SER A 891 19.72 -9.09 -0.78
N PHE A 892 19.71 -9.94 -1.81
CA PHE A 892 20.70 -11.00 -1.96
C PHE A 892 20.73 -11.43 -3.41
N VAL A 893 21.83 -12.08 -3.80
CA VAL A 893 21.98 -12.67 -5.12
C VAL A 893 22.30 -14.15 -4.95
N VAL A 894 21.59 -14.99 -5.70
CA VAL A 894 21.72 -16.45 -5.57
C VAL A 894 22.75 -16.93 -6.59
N GLU A 895 23.79 -17.60 -6.11
CA GLU A 895 24.84 -18.14 -6.97
C GLU A 895 24.89 -19.65 -6.81
N ASP A 896 24.98 -20.36 -7.92
CA ASP A 896 25.06 -21.81 -7.92
C ASP A 896 26.49 -22.27 -7.66
N ILE A 897 26.65 -23.56 -7.43
CA ILE A 897 27.95 -24.16 -7.19
C ILE A 897 28.40 -24.92 -8.42
N ALA A 898 27.46 -25.63 -9.05
CA ALA A 898 27.79 -26.43 -10.23
C ALA A 898 28.04 -25.53 -11.44
N THR A 899 27.05 -24.72 -11.80
CA THR A 899 27.16 -23.84 -12.96
C THR A 899 27.87 -22.53 -12.61
N GLY A 900 27.30 -21.77 -11.67
CA GLY A 900 27.88 -20.51 -11.25
C GLY A 900 27.10 -19.29 -11.65
N VAL A 901 25.93 -19.45 -12.27
CA VAL A 901 25.13 -18.29 -12.69
C VAL A 901 24.58 -17.58 -11.45
N GLN A 902 24.63 -16.25 -11.48
CA GLN A 902 24.17 -15.43 -10.37
C GLN A 902 22.75 -14.98 -10.66
N THR A 903 21.78 -15.68 -10.06
CA THR A 903 20.38 -15.33 -10.22
C THR A 903 20.01 -14.22 -9.24
N LEU A 904 18.88 -13.55 -9.54
CA LEU A 904 18.41 -12.44 -8.71
C LEU A 904 16.89 -12.53 -8.61
N TYR A 905 16.38 -12.76 -7.41
CA TYR A 905 14.94 -12.83 -7.16
C TYR A 905 14.50 -11.63 -6.34
N SER A 906 13.19 -11.42 -6.31
CA SER A 906 12.58 -10.33 -5.56
C SER A 906 11.79 -10.80 -4.35
N LYS A 907 11.09 -11.93 -4.46
CA LYS A 907 10.31 -12.48 -3.36
C LYS A 907 10.74 -13.93 -3.11
N TRP A 908 10.49 -14.39 -1.89
CA TRP A 908 10.85 -15.76 -1.52
C TRP A 908 10.03 -16.80 -2.27
N LYS A 909 8.85 -16.44 -2.78
CA LYS A 909 8.04 -17.38 -3.53
C LYS A 909 8.69 -17.75 -4.86
N ASP A 910 9.39 -16.79 -5.48
CA ASP A 910 10.07 -17.07 -6.73
C ASP A 910 11.27 -17.99 -6.54
N PHE A 911 11.87 -17.98 -5.36
CA PHE A 911 13.02 -18.84 -5.07
C PHE A 911 12.52 -20.25 -4.81
N HIS A 912 12.77 -21.15 -5.77
CA HIS A 912 12.34 -22.54 -5.67
C HIS A 912 13.54 -23.39 -5.26
N PHE A 913 13.57 -23.80 -3.99
CA PHE A 913 14.64 -24.63 -3.46
C PHE A 913 14.08 -25.52 -2.37
N GLU A 914 14.96 -26.32 -1.78
CA GLU A 914 14.57 -27.22 -0.69
C GLU A 914 14.33 -26.42 0.57
N LYS A 915 13.07 -26.08 0.83
CA LYS A 915 12.69 -25.29 2.00
C LYS A 915 12.52 -26.22 3.20
N ILE A 916 13.58 -26.34 4.00
CA ILE A 916 13.55 -27.18 5.20
C ILE A 916 12.83 -26.43 6.31
N PRO A 917 11.82 -27.02 6.95
CA PRO A 917 11.13 -26.32 8.03
C PRO A 917 12.04 -26.09 9.22
N PHE A 918 11.80 -24.97 9.90
CA PHE A 918 12.60 -24.61 11.07
C PHE A 918 12.22 -25.50 12.24
N ASP A 919 13.13 -26.40 12.63
CA ASP A 919 12.90 -27.31 13.74
C ASP A 919 13.55 -26.73 14.99
N PRO A 920 12.77 -26.39 16.03
CA PRO A 920 13.38 -25.83 17.25
C PRO A 920 14.23 -26.82 18.03
N ALA A 921 14.23 -28.10 17.67
CA ALA A 921 15.03 -29.09 18.39
C ALA A 921 16.52 -28.94 18.11
N GLU A 922 16.89 -28.34 16.98
CA GLU A 922 18.31 -28.19 16.66
C GLU A 922 18.93 -27.03 17.43
N MET A 923 18.41 -25.82 17.26
CA MET A 923 18.93 -24.65 17.94
C MET A 923 17.88 -23.54 18.02
ZN ZN C . 28.13 -7.14 1.59
PG GTP D . 11.12 -2.15 6.16
O1G GTP D . 9.77 -1.96 6.83
O2G GTP D . 11.71 -0.82 5.79
O3G GTP D . 10.95 -2.99 4.91
O3B GTP D . 12.09 -2.91 7.19
PB GTP D . 11.73 -4.37 7.76
O1B GTP D . 10.40 -4.33 8.48
O2B GTP D . 12.82 -4.90 8.66
O3A GTP D . 11.60 -5.29 6.44
PA GTP D . 12.91 -5.65 5.57
O1A GTP D . 12.62 -5.43 4.11
O2A GTP D . 14.09 -4.84 6.02
O5' GTP D . 13.15 -7.21 5.84
C5' GTP D . 12.42 -8.17 5.11
C4' GTP D . 11.85 -9.25 6.03
O4' GTP D . 11.34 -8.69 7.22
C3' GTP D . 10.67 -9.97 5.40
O3' GTP D . 11.10 -11.14 4.73
C2' GTP D . 9.79 -10.33 6.57
O2' GTP D . 9.93 -11.69 6.89
C1' GTP D . 10.27 -9.46 7.72
N9 GTP D . 9.21 -8.55 8.20
C8 GTP D . 9.40 -7.25 8.60
N7 GTP D . 8.21 -6.73 8.98
C5 GTP D . 7.26 -7.68 8.86
C6 GTP D . 5.89 -7.67 9.13
O6 GTP D . 5.36 -6.64 9.55
N1 GTP D . 5.15 -8.81 8.91
C2 GTP D . 5.76 -9.94 8.43
N2 GTP D . 5.04 -11.04 8.22
N3 GTP D . 7.11 -9.96 8.17
C4 GTP D . 7.86 -8.84 8.38
#